data_7TLR
#
_entry.id   7TLR
#
_cell.length_a   76.314
_cell.length_b   86.780
_cell.length_c   133.438
_cell.angle_alpha   90.000
_cell.angle_beta   90.000
_cell.angle_gamma   90.000
#
_symmetry.space_group_name_H-M   'P 21 21 21'
#
loop_
_entity.id
_entity.type
_entity.pdbx_description
1 polymer 'Cysteine desulfurase'
2 non-polymer "PYRIDOXAL-5'-PHOSPHATE"
3 water water
#
_entity_poly.entity_id   1
_entity_poly.type   'polypeptide(L)'
_entity_poly.pdbx_seq_one_letter_code
;MASSHHHHHHHENLYFQGMTDTEVAQITDNPYKADFPILAANPKVAYLDSAYTSQRPRVVIEAQSRFYETMNANALRGLY
RWSVDATAAIEDARASIAKFIGAVDKNDKPESQQIIFTRNTSEALNLVASSLGRYALKPGDDVVISIMEHHSNIIPWQQI
CKATGANLVYLRMNSQYQITPEEIASKITERAKIVSVTHVSNVLGTRNDIKAIAKRTHAMGAYMVVDAAQSAPHILVNVH
DLDCDLLAFSAHKMCGPMGIGVLWGRAELLNAMPPFLTGGEMIDSVTETGAVWAPVPEKFEAGTQDAAGIYATGAAIKYL
NGLDMAKIEKREELLARYLVQQLCTLDFVDIVGSKLGQNHVGAVAFNVRGVHPHDVSSILDMNNVCIRAGHHCAEPLLIE
LHESSTCRASVAFYNDKHDIDQLIEGLNQVWKIFGSAVNTKQNKELK
;
_entity_poly.pdbx_strand_id   A,B
#
# COMPACT_ATOMS: atom_id res chain seq x y z
N GLY A 18 33.45 -15.25 -24.09
CA GLY A 18 33.21 -16.67 -23.91
C GLY A 18 31.91 -17.13 -24.55
N MET A 19 31.19 -16.19 -25.16
CA MET A 19 29.94 -16.49 -25.84
C MET A 19 30.01 -16.04 -27.29
N THR A 20 29.14 -16.63 -28.11
CA THR A 20 29.24 -16.51 -29.56
C THR A 20 29.11 -15.05 -30.01
N ASP A 21 29.63 -14.79 -31.22
CA ASP A 21 29.51 -13.46 -31.80
C ASP A 21 28.05 -13.08 -32.05
N THR A 22 27.19 -14.07 -32.30
CA THR A 22 25.77 -13.77 -32.49
C THR A 22 25.13 -13.33 -31.19
N GLU A 23 25.53 -13.94 -30.06
CA GLU A 23 24.97 -13.55 -28.77
C GLU A 23 25.40 -12.14 -28.38
N VAL A 24 26.65 -11.78 -28.68
CA VAL A 24 27.12 -10.42 -28.41
C VAL A 24 26.38 -9.42 -29.29
N ALA A 25 26.13 -9.79 -30.54
CA ALA A 25 25.39 -8.90 -31.44
C ALA A 25 23.95 -8.70 -30.95
N GLN A 26 23.36 -9.72 -30.32
CA GLN A 26 21.98 -9.60 -29.87
C GLN A 26 21.85 -8.60 -28.74
N ILE A 27 22.85 -8.50 -27.85
CA ILE A 27 22.78 -7.59 -26.72
C ILE A 27 23.30 -6.20 -27.05
N THR A 28 23.95 -6.02 -28.21
CA THR A 28 24.33 -4.66 -28.63
C THR A 28 23.10 -3.90 -29.11
N ASP A 29 22.24 -4.54 -29.87
CA ASP A 29 20.95 -3.97 -30.21
C ASP A 29 20.06 -3.90 -28.98
N ASN A 30 19.22 -2.87 -28.93
CA ASN A 30 18.29 -2.66 -27.80
C ASN A 30 16.91 -2.37 -28.37
N PRO A 31 16.10 -3.40 -28.60
CA PRO A 31 14.75 -3.19 -29.11
C PRO A 31 13.72 -3.06 -28.01
N TYR A 32 14.15 -2.49 -26.88
CA TYR A 32 13.25 -2.25 -25.76
C TYR A 32 13.41 -0.90 -25.08
N LYS A 33 14.54 -0.21 -25.22
CA LYS A 33 14.73 0.96 -24.34
C LYS A 33 13.76 2.08 -24.67
N ALA A 34 13.34 2.16 -25.93
CA ALA A 34 12.53 3.27 -26.38
C ALA A 34 11.17 3.34 -25.70
N ASP A 35 10.73 2.25 -25.07
CA ASP A 35 9.46 2.26 -24.35
C ASP A 35 9.57 2.89 -22.97
N PHE A 36 10.77 3.24 -22.52
CA PHE A 36 10.96 3.72 -21.15
C PHE A 36 11.34 5.19 -21.15
N PRO A 37 10.45 6.08 -20.71
CA PRO A 37 10.73 7.53 -20.82
C PRO A 37 12.01 7.96 -20.14
N ILE A 38 12.28 7.50 -18.92
CA ILE A 38 13.41 8.00 -18.17
C ILE A 38 14.74 7.54 -18.77
N LEU A 39 14.75 6.46 -19.54
CA LEU A 39 15.97 5.96 -20.17
C LEU A 39 16.11 6.39 -21.62
N ALA A 40 15.02 6.37 -22.39
CA ALA A 40 15.10 6.72 -23.80
C ALA A 40 15.45 8.19 -23.99
N ALA A 41 14.90 9.06 -23.15
CA ALA A 41 15.13 10.50 -23.29
C ALA A 41 16.49 10.95 -22.76
N ASN A 42 17.20 10.08 -22.02
CA ASN A 42 18.45 10.45 -21.37
C ASN A 42 19.49 9.35 -21.63
N PRO A 43 20.07 9.34 -22.84
CA PRO A 43 20.98 8.24 -23.20
C PRO A 43 22.30 8.21 -22.44
N LYS A 44 22.62 9.23 -21.64
CA LYS A 44 23.84 9.19 -20.85
C LYS A 44 23.72 8.28 -19.64
N VAL A 45 22.50 7.90 -19.26
CA VAL A 45 22.26 7.15 -18.03
C VAL A 45 22.37 5.66 -18.31
N ALA A 46 23.16 4.97 -17.49
CA ALA A 46 23.23 3.51 -17.48
C ALA A 46 22.64 3.04 -16.16
N TYR A 47 21.39 2.61 -16.18
CA TYR A 47 20.69 2.18 -14.98
C TYR A 47 20.88 0.67 -14.81
N LEU A 48 21.70 0.29 -13.83
CA LEU A 48 22.00 -1.11 -13.55
C LEU A 48 21.63 -1.47 -12.12
N ASP A 49 20.46 -1.03 -11.67
CA ASP A 49 19.96 -1.33 -10.33
C ASP A 49 18.51 -1.78 -10.39
N SER A 50 18.17 -2.56 -11.42
CA SER A 50 16.80 -3.05 -11.55
C SER A 50 16.44 -4.06 -10.48
N ALA A 51 17.44 -4.68 -9.83
CA ALA A 51 17.16 -5.59 -8.72
C ALA A 51 16.54 -4.87 -7.53
N TYR A 52 16.71 -3.55 -7.44
CA TYR A 52 16.02 -2.76 -6.42
C TYR A 52 14.63 -2.34 -6.89
N THR A 53 14.56 -1.72 -8.07
CA THR A 53 13.29 -1.41 -8.70
C THR A 53 13.54 -1.18 -10.19
N SER A 54 12.54 -1.47 -10.99
CA SER A 54 12.63 -1.31 -12.44
CA SER A 54 12.64 -1.31 -12.43
C SER A 54 12.23 0.09 -12.85
N GLN A 55 12.43 0.38 -14.13
CA GLN A 55 11.93 1.60 -14.73
C GLN A 55 10.57 1.33 -15.35
N ARG A 56 9.81 2.39 -15.58
CA ARG A 56 8.43 2.16 -15.98
C ARG A 56 8.25 2.39 -17.47
N PRO A 57 7.61 1.46 -18.18
CA PRO A 57 7.30 1.70 -19.59
C PRO A 57 6.21 2.76 -19.73
N ARG A 58 6.15 3.33 -20.94
CA ARG A 58 5.16 4.37 -21.20
C ARG A 58 3.74 3.84 -21.09
N VAL A 59 3.50 2.61 -21.55
CA VAL A 59 2.16 2.05 -21.49
C VAL A 59 1.71 1.83 -20.05
N VAL A 60 2.65 1.62 -19.14
CA VAL A 60 2.30 1.47 -17.73
C VAL A 60 1.98 2.83 -17.11
N ILE A 61 2.81 3.83 -17.38
CA ILE A 61 2.54 5.18 -16.91
C ILE A 61 1.21 5.68 -17.46
N GLU A 62 0.96 5.43 -18.74
CA GLU A 62 -0.27 5.91 -19.36
C GLU A 62 -1.51 5.22 -18.78
N ALA A 63 -1.41 3.93 -18.48
CA ALA A 63 -2.55 3.21 -17.94
C ALA A 63 -2.96 3.76 -16.57
N GLN A 64 -1.99 4.14 -15.75
CA GLN A 64 -2.30 4.69 -14.44
C GLN A 64 -3.02 6.03 -14.56
N SER A 65 -2.51 6.91 -15.44
CA SER A 65 -3.16 8.20 -15.65
CA SER A 65 -3.16 8.20 -15.65
C SER A 65 -4.55 8.03 -16.28
N ARG A 66 -4.67 7.10 -17.22
CA ARG A 66 -5.95 6.88 -17.88
C ARG A 66 -7.02 6.43 -16.88
N PHE A 67 -6.63 5.62 -15.89
CA PHE A 67 -7.59 5.20 -14.87
C PHE A 67 -8.13 6.39 -14.10
N TYR A 68 -7.24 7.28 -13.66
CA TYR A 68 -7.67 8.44 -12.87
C TYR A 68 -8.49 9.42 -13.71
N GLU A 69 -8.27 9.43 -15.03
CA GLU A 69 -8.93 10.41 -15.88
C GLU A 69 -10.28 9.94 -16.42
N THR A 70 -10.53 8.63 -16.51
CA THR A 70 -11.72 8.13 -17.18
C THR A 70 -12.56 7.17 -16.35
N MET A 71 -12.02 6.54 -15.31
CA MET A 71 -12.82 5.59 -14.55
C MET A 71 -12.51 5.61 -13.05
N ASN A 72 -11.96 6.70 -12.52
CA ASN A 72 -11.85 6.88 -11.08
C ASN A 72 -13.24 6.87 -10.46
N ALA A 73 -13.56 5.84 -9.68
CA ALA A 73 -14.90 5.68 -9.13
C ALA A 73 -14.95 6.13 -7.68
N SER A 83 -17.72 3.07 -11.95
CA SER A 83 -17.61 2.03 -10.92
C SER A 83 -17.67 0.64 -11.55
N VAL A 84 -18.59 0.47 -12.49
CA VAL A 84 -18.71 -0.81 -13.19
C VAL A 84 -17.45 -1.07 -14.01
N ASP A 85 -16.95 -0.04 -14.70
CA ASP A 85 -15.74 -0.19 -15.49
C ASP A 85 -14.53 -0.44 -14.60
N ALA A 86 -14.46 0.24 -13.46
CA ALA A 86 -13.31 0.05 -12.57
C ALA A 86 -13.32 -1.33 -11.92
N THR A 87 -14.50 -1.81 -11.54
CA THR A 87 -14.59 -3.13 -10.91
C THR A 87 -14.18 -4.23 -11.88
N ALA A 88 -14.61 -4.13 -13.14
CA ALA A 88 -14.21 -5.11 -14.14
C ALA A 88 -12.73 -4.96 -14.50
N ALA A 89 -12.18 -3.75 -14.40
CA ALA A 89 -10.77 -3.55 -14.68
C ALA A 89 -9.89 -4.19 -13.61
N ILE A 90 -10.34 -4.15 -12.35
CA ILE A 90 -9.61 -4.83 -11.28
C ILE A 90 -9.63 -6.33 -11.49
N GLU A 91 -10.79 -6.89 -11.86
CA GLU A 91 -10.90 -8.32 -12.04
C GLU A 91 -10.04 -8.81 -13.20
N ASP A 92 -10.01 -8.07 -14.30
CA ASP A 92 -9.18 -8.46 -15.43
C ASP A 92 -7.69 -8.41 -15.08
N ALA A 93 -7.30 -7.50 -14.18
CA ALA A 93 -5.92 -7.46 -13.73
C ALA A 93 -5.56 -8.70 -12.93
N ARG A 94 -6.46 -9.13 -12.03
CA ARG A 94 -6.24 -10.37 -11.29
C ARG A 94 -6.07 -11.55 -12.24
N ALA A 95 -6.93 -11.64 -13.26
CA ALA A 95 -6.85 -12.74 -14.21
C ALA A 95 -5.55 -12.71 -14.99
N SER A 96 -5.12 -11.51 -15.40
CA SER A 96 -3.86 -11.38 -16.14
C SER A 96 -2.68 -11.81 -15.27
N ILE A 97 -2.69 -11.43 -13.99
CA ILE A 97 -1.60 -11.79 -13.10
C ILE A 97 -1.60 -13.29 -12.83
N ALA A 98 -2.77 -13.88 -12.62
CA ALA A 98 -2.86 -15.32 -12.38
C ALA A 98 -2.32 -16.11 -13.58
N LYS A 99 -2.74 -15.73 -14.79
CA LYS A 99 -2.23 -16.37 -15.99
C LYS A 99 -0.72 -16.22 -16.10
N PHE A 100 -0.20 -15.04 -15.76
CA PHE A 100 1.22 -14.75 -15.92
C PHE A 100 2.08 -15.69 -15.07
N ILE A 101 1.61 -16.06 -13.89
CA ILE A 101 2.34 -16.96 -13.02
C ILE A 101 1.84 -18.40 -13.14
N GLY A 102 1.11 -18.71 -14.22
CA GLY A 102 0.65 -20.07 -14.44
C GLY A 102 -0.44 -20.53 -13.51
N ALA A 103 -1.12 -19.61 -12.82
CA ALA A 103 -2.21 -19.97 -11.91
C ALA A 103 -3.50 -20.12 -12.71
N VAL A 104 -3.57 -21.21 -13.46
CA VAL A 104 -4.72 -21.54 -14.30
C VAL A 104 -5.21 -22.94 -13.95
N ASP A 105 -6.49 -23.17 -14.14
CA ASP A 105 -7.09 -24.45 -13.80
C ASP A 105 -6.97 -25.42 -14.99
N LYS A 106 -7.66 -26.56 -14.90
CA LYS A 106 -7.58 -27.56 -15.96
C LYS A 106 -8.16 -27.07 -17.27
N ASN A 107 -9.21 -26.25 -17.21
CA ASN A 107 -9.82 -25.67 -18.40
C ASN A 107 -9.13 -24.38 -18.84
N ASP A 108 -7.93 -24.13 -18.33
CA ASP A 108 -7.14 -22.93 -18.61
C ASP A 108 -7.82 -21.64 -18.15
N LYS A 109 -8.79 -21.73 -17.20
CA LYS A 109 -9.27 -20.45 -16.69
C LYS A 109 -8.31 -19.92 -15.63
N PRO A 110 -7.98 -18.63 -15.67
CA PRO A 110 -7.14 -18.04 -14.64
C PRO A 110 -7.79 -18.15 -13.27
N GLU A 111 -6.98 -18.54 -12.27
CA GLU A 111 -7.43 -18.58 -10.88
C GLU A 111 -7.29 -17.18 -10.27
N SER A 112 -8.15 -16.27 -10.76
CA SER A 112 -8.06 -14.88 -10.36
C SER A 112 -8.41 -14.69 -8.89
N GLN A 113 -9.26 -15.56 -8.34
CA GLN A 113 -9.68 -15.43 -6.95
C GLN A 113 -8.62 -15.92 -5.96
N GLN A 114 -7.49 -16.42 -6.44
CA GLN A 114 -6.37 -16.79 -5.58
C GLN A 114 -5.26 -15.74 -5.62
N ILE A 115 -5.53 -14.56 -6.17
CA ILE A 115 -4.57 -13.47 -6.26
C ILE A 115 -4.97 -12.42 -5.23
N ILE A 116 -4.04 -12.06 -4.34
CA ILE A 116 -4.26 -11.07 -3.30
C ILE A 116 -3.30 -9.91 -3.51
N PHE A 117 -3.81 -8.69 -3.40
CA PHE A 117 -3.02 -7.49 -3.62
C PHE A 117 -2.55 -6.92 -2.29
N THR A 118 -1.25 -6.61 -2.21
CA THR A 118 -0.67 -5.92 -1.07
C THR A 118 0.07 -4.68 -1.54
N ARG A 119 0.82 -4.02 -0.66
CA ARG A 119 1.62 -2.88 -1.08
C ARG A 119 2.92 -3.34 -1.74
N ASN A 120 3.51 -4.42 -1.25
CA ASN A 120 4.76 -4.94 -1.79
C ASN A 120 4.96 -6.37 -1.31
N THR A 121 6.08 -6.97 -1.72
CA THR A 121 6.40 -8.32 -1.25
C THR A 121 6.52 -8.35 0.27
N SER A 122 7.06 -7.28 0.86
CA SER A 122 7.27 -7.25 2.31
C SER A 122 5.96 -7.42 3.06
N GLU A 123 4.92 -6.70 2.65
CA GLU A 123 3.62 -6.85 3.31
C GLU A 123 3.03 -8.24 3.09
N ALA A 124 3.21 -8.79 1.88
CA ALA A 124 2.71 -10.13 1.61
C ALA A 124 3.36 -11.16 2.51
N LEU A 125 4.68 -11.03 2.75
CA LEU A 125 5.37 -11.98 3.61
C LEU A 125 5.00 -11.77 5.07
N ASN A 126 4.75 -10.53 5.49
CA ASN A 126 4.21 -10.30 6.83
C ASN A 126 2.84 -10.92 6.97
N LEU A 127 1.99 -10.79 5.93
CA LEU A 127 0.68 -11.43 5.94
C LEU A 127 0.81 -12.94 6.15
N VAL A 128 1.68 -13.59 5.37
CA VAL A 128 1.84 -15.03 5.48
C VAL A 128 2.38 -15.41 6.85
N ALA A 129 3.43 -14.72 7.30
CA ALA A 129 4.06 -15.07 8.57
C ALA A 129 3.07 -14.94 9.73
N SER A 130 2.23 -13.91 9.71
CA SER A 130 1.26 -13.73 10.79
C SER A 130 0.08 -14.70 10.65
N SER A 131 -0.53 -14.73 9.47
CA SER A 131 -1.74 -15.55 9.29
C SER A 131 -1.41 -17.03 9.27
N LEU A 132 -0.46 -17.45 8.43
CA LEU A 132 -0.10 -18.86 8.38
C LEU A 132 0.65 -19.29 9.64
N GLY A 133 1.42 -18.38 10.24
CA GLY A 133 2.11 -18.72 11.48
C GLY A 133 1.13 -18.97 12.62
N ARG A 134 0.10 -18.13 12.73
CA ARG A 134 -0.94 -18.36 13.73
C ARG A 134 -1.68 -19.66 13.47
N TYR A 135 -1.91 -19.98 12.19
CA TYR A 135 -2.74 -21.13 11.85
C TYR A 135 -2.02 -22.45 12.08
N ALA A 136 -0.71 -22.49 11.84
CA ALA A 136 0.00 -23.76 11.74
C ALA A 136 1.07 -23.98 12.80
N LEU A 137 1.69 -22.92 13.32
CA LEU A 137 2.88 -23.10 14.15
C LEU A 137 2.52 -23.52 15.58
N LYS A 138 3.20 -24.54 16.06
CA LYS A 138 3.13 -25.01 17.43
C LYS A 138 4.51 -24.88 18.07
N PRO A 139 4.58 -24.77 19.40
CA PRO A 139 5.88 -24.78 20.07
C PRO A 139 6.65 -26.07 19.75
N GLY A 140 7.87 -25.91 19.25
CA GLY A 140 8.67 -27.04 18.79
C GLY A 140 8.71 -27.20 17.30
N ASP A 141 7.84 -26.51 16.56
CA ASP A 141 7.90 -26.53 15.11
C ASP A 141 9.16 -25.83 14.60
N ASP A 142 9.52 -26.13 13.36
CA ASP A 142 10.63 -25.48 12.69
C ASP A 142 10.11 -24.61 11.56
N VAL A 143 10.61 -23.38 11.47
CA VAL A 143 10.46 -22.54 10.29
C VAL A 143 11.81 -22.50 9.59
N VAL A 144 11.85 -22.97 8.36
CA VAL A 144 13.09 -23.12 7.61
C VAL A 144 13.15 -22.04 6.54
N ILE A 145 14.17 -21.19 6.61
CA ILE A 145 14.48 -20.21 5.59
C ILE A 145 15.93 -20.43 5.16
N SER A 146 16.38 -19.65 4.19
CA SER A 146 17.75 -19.77 3.69
C SER A 146 18.57 -18.58 4.16
N ILE A 147 19.89 -18.78 4.21
CA ILE A 147 20.81 -17.70 4.53
C ILE A 147 20.82 -16.63 3.45
N MET A 148 20.24 -16.92 2.28
CA MET A 148 20.14 -15.99 1.16
C MET A 148 18.99 -15.01 1.28
N GLU A 149 18.16 -15.13 2.32
CA GLU A 149 16.88 -14.44 2.35
C GLU A 149 17.05 -12.92 2.44
N HIS A 150 16.18 -12.22 1.73
CA HIS A 150 15.99 -10.79 1.94
C HIS A 150 15.41 -10.54 3.33
N HIS A 151 15.69 -9.36 3.88
CA HIS A 151 15.26 -9.05 5.24
C HIS A 151 13.76 -9.24 5.44
N SER A 152 12.96 -8.97 4.40
CA SER A 152 11.52 -9.13 4.49
C SER A 152 11.10 -10.59 4.58
N ASN A 153 11.97 -11.52 4.20
CA ASN A 153 11.73 -12.95 4.40
C ASN A 153 12.55 -13.51 5.56
N ILE A 154 12.94 -12.66 6.52
CA ILE A 154 13.69 -13.09 7.68
C ILE A 154 12.98 -12.64 8.95
N ILE A 155 12.81 -11.33 9.10
CA ILE A 155 12.35 -10.72 10.34
C ILE A 155 10.92 -11.13 10.69
N PRO A 156 9.97 -11.16 9.73
CA PRO A 156 8.64 -11.69 10.09
C PRO A 156 8.68 -13.11 10.64
N TRP A 157 9.65 -13.92 10.22
CA TRP A 157 9.78 -15.26 10.77
C TRP A 157 10.47 -15.23 12.13
N GLN A 158 11.42 -14.32 12.32
CA GLN A 158 11.98 -14.10 13.65
C GLN A 158 10.88 -13.73 14.64
N GLN A 159 9.95 -12.88 14.22
CA GLN A 159 8.92 -12.38 15.12
C GLN A 159 7.90 -13.47 15.45
N ILE A 160 7.41 -14.18 14.44
CA ILE A 160 6.37 -15.18 14.68
C ILE A 160 6.94 -16.40 15.40
N CYS A 161 8.22 -16.69 15.21
CA CYS A 161 8.83 -17.81 15.93
C CYS A 161 8.93 -17.51 17.42
N LYS A 162 9.30 -16.29 17.77
CA LYS A 162 9.33 -15.90 19.18
C LYS A 162 7.94 -15.89 19.78
N ALA A 163 6.93 -15.56 18.99
CA ALA A 163 5.56 -15.48 19.50
C ALA A 163 4.93 -16.85 19.68
N THR A 164 5.31 -17.83 18.86
CA THR A 164 4.68 -19.15 18.89
C THR A 164 5.53 -20.21 19.57
N GLY A 165 6.81 -19.94 19.81
CA GLY A 165 7.69 -20.97 20.34
C GLY A 165 8.33 -21.86 19.30
N ALA A 166 8.20 -21.51 18.02
CA ALA A 166 8.86 -22.26 16.96
C ALA A 166 10.33 -21.88 16.87
N ASN A 167 11.09 -22.68 16.14
CA ASN A 167 12.52 -22.47 15.97
C ASN A 167 12.83 -22.07 14.54
N LEU A 168 13.69 -21.08 14.38
CA LEU A 168 14.11 -20.60 13.07
C LEU A 168 15.34 -21.37 12.62
N VAL A 169 15.25 -22.02 11.47
CA VAL A 169 16.33 -22.85 10.93
C VAL A 169 16.75 -22.28 9.58
N TYR A 170 18.06 -22.30 9.32
CA TYR A 170 18.64 -21.71 8.12
C TYR A 170 19.20 -22.78 7.21
N LEU A 171 18.84 -22.72 5.93
CA LEU A 171 19.52 -23.52 4.91
C LEU A 171 20.80 -22.81 4.50
N ARG A 172 21.90 -23.56 4.51
CA ARG A 172 23.23 -23.00 4.23
C ARG A 172 23.67 -23.34 2.81
N MET A 173 24.70 -22.65 2.36
CA MET A 173 25.23 -22.81 1.01
C MET A 173 26.51 -23.63 1.02
N ASN A 174 26.85 -24.17 -0.15
CA ASN A 174 28.13 -24.82 -0.35
C ASN A 174 29.12 -23.83 -0.94
N SER A 175 30.26 -24.32 -1.42
CA SER A 175 31.27 -23.44 -2.00
C SER A 175 30.81 -22.79 -3.30
N GLN A 176 29.82 -23.37 -3.98
CA GLN A 176 29.29 -22.83 -5.22
C GLN A 176 28.06 -21.94 -5.00
N TYR A 177 27.84 -21.48 -3.77
CA TYR A 177 26.72 -20.60 -3.43
C TYR A 177 25.39 -21.22 -3.84
N GLN A 178 25.23 -22.50 -3.52
CA GLN A 178 24.02 -23.23 -3.85
C GLN A 178 23.58 -24.05 -2.64
N ILE A 179 22.28 -24.34 -2.59
CA ILE A 179 21.70 -25.17 -1.54
C ILE A 179 21.64 -26.59 -2.08
N THR A 180 22.41 -27.49 -1.48
CA THR A 180 22.54 -28.85 -1.97
C THR A 180 21.35 -29.71 -1.52
N PRO A 181 21.10 -30.81 -2.24
CA PRO A 181 20.08 -31.76 -1.75
C PRO A 181 20.40 -32.31 -0.37
N GLU A 182 21.68 -32.44 -0.03
CA GLU A 182 22.05 -32.88 1.31
C GLU A 182 21.61 -31.87 2.35
N GLU A 183 21.81 -30.57 2.09
CA GLU A 183 21.37 -29.55 3.02
C GLU A 183 19.85 -29.49 3.11
N ILE A 184 19.16 -29.71 1.99
CA ILE A 184 17.71 -29.73 2.00
C ILE A 184 17.20 -30.86 2.89
N ALA A 185 17.72 -32.06 2.69
CA ALA A 185 17.27 -33.20 3.49
C ALA A 185 17.71 -33.10 4.94
N SER A 186 18.82 -32.39 5.20
CA SER A 186 19.34 -32.33 6.57
C SER A 186 18.58 -31.31 7.41
N LYS A 187 18.25 -30.15 6.85
CA LYS A 187 17.67 -29.07 7.63
C LYS A 187 16.14 -29.11 7.65
N ILE A 188 15.51 -29.65 6.62
CA ILE A 188 14.06 -29.78 6.56
C ILE A 188 13.71 -31.18 7.07
N THR A 189 13.34 -31.26 8.34
CA THR A 189 13.03 -32.52 9.00
C THR A 189 11.54 -32.60 9.32
N GLU A 190 11.16 -33.63 10.06
CA GLU A 190 9.76 -33.83 10.41
C GLU A 190 9.21 -32.71 11.29
N ARG A 191 10.09 -31.99 12.01
CA ARG A 191 9.64 -30.90 12.86
C ARG A 191 9.24 -29.66 12.05
N ALA A 192 9.62 -29.60 10.78
CA ALA A 192 9.36 -28.41 9.98
C ALA A 192 7.87 -28.25 9.71
N LYS A 193 7.37 -27.02 9.88
CA LYS A 193 5.98 -26.69 9.59
C LYS A 193 5.83 -25.66 8.47
N ILE A 194 6.77 -24.73 8.34
CA ILE A 194 6.76 -23.74 7.28
C ILE A 194 8.16 -23.64 6.70
N VAL A 195 8.25 -23.65 5.37
CA VAL A 195 9.51 -23.44 4.65
C VAL A 195 9.31 -22.26 3.71
N SER A 196 10.15 -21.23 3.87
CA SER A 196 10.07 -20.02 3.06
C SER A 196 11.46 -19.73 2.49
N VAL A 197 11.62 -19.92 1.18
CA VAL A 197 12.90 -19.81 0.52
C VAL A 197 12.76 -18.86 -0.67
N THR A 198 13.76 -18.03 -0.89
CA THR A 198 13.76 -17.15 -2.05
C THR A 198 13.98 -17.95 -3.33
N HIS A 199 13.21 -17.60 -4.36
CA HIS A 199 13.37 -18.26 -5.66
C HIS A 199 14.68 -17.86 -6.31
N VAL A 200 15.01 -16.57 -6.28
CA VAL A 200 16.26 -16.04 -6.82
C VAL A 200 16.82 -15.06 -5.81
N SER A 201 18.08 -15.25 -5.43
CA SER A 201 18.72 -14.35 -4.48
C SER A 201 18.92 -12.97 -5.11
N ASN A 202 18.58 -11.92 -4.35
CA ASN A 202 18.74 -10.56 -4.81
C ASN A 202 20.18 -10.07 -4.73
N VAL A 203 21.10 -10.88 -4.20
CA VAL A 203 22.51 -10.52 -4.08
C VAL A 203 23.38 -11.44 -4.92
N LEU A 204 23.18 -12.75 -4.81
CA LEU A 204 24.02 -13.72 -5.51
C LEU A 204 23.49 -14.08 -6.89
N GLY A 205 22.22 -13.82 -7.17
CA GLY A 205 21.63 -14.28 -8.41
C GLY A 205 21.41 -15.77 -8.50
N THR A 206 21.61 -16.49 -7.39
CA THR A 206 21.43 -17.93 -7.38
C THR A 206 19.95 -18.28 -7.54
N ARG A 207 19.67 -19.23 -8.44
CA ARG A 207 18.32 -19.74 -8.63
C ARG A 207 18.18 -21.03 -7.83
N ASN A 208 17.36 -21.01 -6.79
CA ASN A 208 17.17 -22.16 -5.94
C ASN A 208 16.14 -23.13 -6.54
N ASP A 209 16.38 -24.41 -6.35
CA ASP A 209 15.48 -25.46 -6.85
C ASP A 209 14.25 -25.51 -5.96
N ILE A 210 13.30 -24.61 -6.25
CA ILE A 210 12.09 -24.49 -5.43
C ILE A 210 11.27 -25.78 -5.50
N LYS A 211 11.16 -26.36 -6.70
CA LYS A 211 10.39 -27.59 -6.85
C LYS A 211 10.94 -28.71 -5.98
N ALA A 212 12.26 -28.86 -5.94
CA ALA A 212 12.85 -29.90 -5.12
C ALA A 212 12.71 -29.59 -3.63
N ILE A 213 12.83 -28.32 -3.25
CA ILE A 213 12.63 -27.92 -1.86
C ILE A 213 11.18 -28.18 -1.46
N ALA A 214 10.24 -27.91 -2.37
CA ALA A 214 8.83 -28.14 -2.07
C ALA A 214 8.54 -29.62 -1.86
N LYS A 215 9.17 -30.49 -2.66
CA LYS A 215 8.95 -31.92 -2.51
C LYS A 215 9.34 -32.40 -1.13
N ARG A 216 10.55 -32.04 -0.67
CA ARG A 216 10.97 -32.39 0.68
C ARG A 216 10.12 -31.70 1.73
N THR A 217 9.71 -30.45 1.46
CA THR A 217 8.86 -29.72 2.39
C THR A 217 7.53 -30.43 2.59
N HIS A 218 6.87 -30.82 1.49
CA HIS A 218 5.59 -31.51 1.60
C HIS A 218 5.75 -32.89 2.23
N ALA A 219 6.87 -33.56 1.95
CA ALA A 219 7.10 -34.88 2.53
C ALA A 219 7.20 -34.83 4.04
N MET A 220 7.67 -33.71 4.59
CA MET A 220 7.77 -33.53 6.03
C MET A 220 6.54 -32.87 6.63
N GLY A 221 5.47 -32.72 5.87
CA GLY A 221 4.25 -32.12 6.37
C GLY A 221 4.33 -30.65 6.66
N ALA A 222 5.01 -29.89 5.80
CA ALA A 222 5.19 -28.46 5.99
C ALA A 222 4.62 -27.70 4.80
N TYR A 223 4.46 -26.38 4.99
CA TYR A 223 3.98 -25.50 3.94
C TYR A 223 5.14 -24.84 3.22
N MET A 224 4.97 -24.62 1.92
CA MET A 224 6.01 -24.08 1.05
C MET A 224 5.65 -22.64 0.68
N VAL A 225 6.47 -21.69 1.14
CA VAL A 225 6.34 -20.28 0.79
C VAL A 225 7.52 -19.90 -0.08
N VAL A 226 7.24 -19.15 -1.15
CA VAL A 226 8.26 -18.76 -2.12
C VAL A 226 8.30 -17.25 -2.19
N ASP A 227 9.48 -16.68 -1.93
CA ASP A 227 9.75 -15.27 -2.20
C ASP A 227 10.20 -15.18 -3.65
N ALA A 228 9.30 -14.72 -4.51
CA ALA A 228 9.54 -14.65 -5.95
C ALA A 228 9.76 -13.23 -6.45
N ALA A 229 10.20 -12.32 -5.56
CA ALA A 229 10.38 -10.93 -5.96
C ALA A 229 11.45 -10.78 -7.03
N GLN A 230 12.44 -11.67 -7.06
CA GLN A 230 13.51 -11.60 -8.04
C GLN A 230 13.35 -12.60 -9.18
N SER A 231 12.36 -13.50 -9.11
CA SER A 231 12.15 -14.48 -10.17
C SER A 231 10.98 -14.11 -11.08
N ALA A 232 9.91 -13.54 -10.52
CA ALA A 232 8.80 -13.07 -11.35
C ALA A 232 9.21 -12.12 -12.47
N PRO A 233 10.17 -11.19 -12.28
CA PRO A 233 10.55 -10.33 -13.41
C PRO A 233 11.46 -10.98 -14.43
N HIS A 234 12.20 -12.04 -14.07
CA HIS A 234 13.32 -12.48 -14.89
C HIS A 234 13.18 -13.88 -15.48
N ILE A 235 12.43 -14.78 -14.84
CA ILE A 235 12.29 -16.14 -15.34
C ILE A 235 10.82 -16.53 -15.34
N LEU A 236 10.50 -17.55 -16.13
CA LEU A 236 9.14 -18.06 -16.19
C LEU A 236 8.73 -18.67 -14.86
N VAL A 237 7.57 -18.26 -14.36
CA VAL A 237 7.06 -18.71 -13.07
C VAL A 237 5.76 -19.46 -13.30
N ASN A 238 5.70 -20.71 -12.83
CA ASN A 238 4.50 -21.53 -12.91
C ASN A 238 4.26 -22.11 -11.52
N VAL A 239 3.26 -21.58 -10.81
CA VAL A 239 3.01 -22.00 -9.44
C VAL A 239 2.64 -23.48 -9.38
N HIS A 240 2.02 -24.00 -10.44
CA HIS A 240 1.64 -25.41 -10.45
C HIS A 240 2.82 -26.32 -10.77
N ASP A 241 3.83 -25.80 -11.48
CA ASP A 241 5.04 -26.57 -11.72
C ASP A 241 5.98 -26.50 -10.53
N LEU A 242 5.97 -25.40 -9.79
CA LEU A 242 6.78 -25.26 -8.60
C LEU A 242 6.22 -26.03 -7.40
N ASP A 243 4.92 -26.36 -7.43
CA ASP A 243 4.24 -27.09 -6.37
C ASP A 243 4.28 -26.35 -5.04
N CYS A 244 4.40 -25.02 -5.06
CA CYS A 244 4.42 -24.25 -3.84
C CYS A 244 3.00 -24.01 -3.33
N ASP A 245 2.90 -23.57 -2.08
CA ASP A 245 1.62 -23.26 -1.46
C ASP A 245 1.32 -21.77 -1.44
N LEU A 246 2.34 -20.93 -1.30
CA LEU A 246 2.18 -19.48 -1.33
C LEU A 246 3.37 -18.87 -2.06
N LEU A 247 3.10 -17.79 -2.80
CA LEU A 247 4.14 -17.13 -3.59
C LEU A 247 3.85 -15.63 -3.64
N ALA A 248 4.89 -14.82 -3.48
CA ALA A 248 4.75 -13.38 -3.42
C ALA A 248 5.82 -12.71 -4.28
N PHE A 249 5.47 -11.55 -4.83
CA PHE A 249 6.38 -10.73 -5.62
C PHE A 249 5.85 -9.31 -5.68
N SER A 250 6.70 -8.40 -6.15
CA SER A 250 6.38 -6.98 -6.21
C SER A 250 6.25 -6.53 -7.66
N ALA A 251 5.22 -5.72 -7.93
CA ALA A 251 5.01 -5.23 -9.29
C ALA A 251 6.10 -4.25 -9.72
N HIS A 252 6.68 -3.50 -8.78
CA HIS A 252 7.62 -2.45 -9.17
C HIS A 252 8.96 -2.98 -9.65
N LYS A 253 9.21 -4.28 -9.56
CA LYS A 253 10.42 -4.91 -10.09
C LYS A 253 10.25 -5.49 -11.48
N MET A 254 9.04 -5.47 -12.00
CA MET A 254 8.70 -6.08 -13.25
C MET A 254 7.93 -5.09 -14.10
N CYS A 255 8.39 -3.83 -14.08
CA CYS A 255 7.91 -2.73 -14.91
C CYS A 255 6.53 -2.24 -14.51
N GLY A 256 6.01 -2.67 -13.36
CA GLY A 256 4.75 -2.16 -12.87
C GLY A 256 4.95 -0.97 -11.96
N PRO A 257 3.85 -0.37 -11.50
CA PRO A 257 3.97 0.78 -10.59
C PRO A 257 4.39 0.34 -9.20
N MET A 258 4.85 1.32 -8.42
CA MET A 258 5.13 1.06 -7.02
C MET A 258 3.83 0.98 -6.23
N GLY A 259 3.91 0.37 -5.06
CA GLY A 259 2.76 0.24 -4.18
C GLY A 259 1.86 -0.94 -4.45
N ILE A 260 2.26 -1.87 -5.31
CA ILE A 260 1.46 -3.04 -5.62
C ILE A 260 2.29 -4.30 -5.37
N GLY A 261 1.83 -5.14 -4.46
CA GLY A 261 2.40 -6.46 -4.27
C GLY A 261 1.36 -7.52 -4.59
N VAL A 262 1.79 -8.73 -4.91
CA VAL A 262 0.90 -9.83 -5.28
C VAL A 262 1.23 -11.03 -4.41
N LEU A 263 0.21 -11.65 -3.85
CA LEU A 263 0.34 -12.90 -3.11
C LEU A 263 -0.61 -13.92 -3.73
N TRP A 264 -0.05 -15.02 -4.23
CA TRP A 264 -0.83 -16.16 -4.67
C TRP A 264 -0.79 -17.25 -3.62
N GLY A 265 -1.88 -17.99 -3.50
CA GLY A 265 -1.93 -19.13 -2.59
C GLY A 265 -2.97 -20.12 -3.05
N ARG A 266 -2.79 -21.36 -2.61
CA ARG A 266 -3.80 -22.39 -2.85
C ARG A 266 -5.12 -21.96 -2.22
N ALA A 267 -6.21 -22.27 -2.91
CA ALA A 267 -7.53 -21.78 -2.48
C ALA A 267 -7.89 -22.30 -1.10
N GLU A 268 -7.65 -23.59 -0.84
CA GLU A 268 -8.01 -24.16 0.45
C GLU A 268 -7.18 -23.55 1.58
N LEU A 269 -5.90 -23.26 1.32
CA LEU A 269 -5.04 -22.69 2.35
C LEU A 269 -5.47 -21.27 2.69
N LEU A 270 -5.74 -20.45 1.67
CA LEU A 270 -6.15 -19.07 1.92
C LEU A 270 -7.47 -19.01 2.66
N ASN A 271 -8.36 -19.99 2.44
CA ASN A 271 -9.59 -20.05 3.21
C ASN A 271 -9.34 -20.37 4.68
N ALA A 272 -8.31 -21.17 4.96
CA ALA A 272 -8.02 -21.56 6.32
C ALA A 272 -7.21 -20.52 7.08
N MET A 273 -6.36 -19.76 6.39
CA MET A 273 -5.57 -18.74 7.05
C MET A 273 -6.49 -17.65 7.60
N PRO A 274 -6.36 -17.28 8.87
CA PRO A 274 -7.18 -16.20 9.42
C PRO A 274 -6.84 -14.87 8.78
N PRO A 275 -7.73 -13.89 8.84
CA PRO A 275 -7.46 -12.59 8.23
C PRO A 275 -6.25 -11.90 8.86
N PHE A 276 -5.64 -11.01 8.08
CA PHE A 276 -4.49 -10.23 8.53
C PHE A 276 -4.96 -8.85 8.96
N LEU A 277 -5.05 -7.92 8.02
CA LEU A 277 -5.67 -6.64 8.29
C LEU A 277 -7.19 -6.78 8.27
N THR A 278 -7.86 -6.07 9.18
CA THR A 278 -9.31 -6.11 9.27
C THR A 278 -9.86 -4.70 9.18
N GLY A 279 -11.10 -4.61 8.75
CA GLY A 279 -11.78 -3.34 8.59
C GLY A 279 -12.78 -3.43 7.45
N GLY A 280 -12.99 -2.28 6.79
CA GLY A 280 -13.94 -2.24 5.70
C GLY A 280 -13.48 -3.05 4.50
N GLU A 281 -14.47 -3.55 3.75
CA GLU A 281 -14.35 -4.22 2.46
C GLU A 281 -13.90 -5.68 2.57
N MET A 282 -13.48 -6.17 3.74
CA MET A 282 -13.01 -7.53 3.89
C MET A 282 -13.97 -8.39 4.72
N ILE A 283 -15.25 -8.02 4.70
CA ILE A 283 -16.27 -8.56 5.59
C ILE A 283 -17.54 -8.85 4.82
N ASP A 284 -18.33 -9.77 5.37
CA ASP A 284 -19.70 -10.01 4.92
C ASP A 284 -20.70 -9.24 5.78
N SER A 285 -20.45 -9.18 7.08
CA SER A 285 -21.32 -8.46 8.00
C SER A 285 -20.56 -8.14 9.27
N VAL A 286 -21.00 -7.10 9.97
CA VAL A 286 -20.37 -6.62 11.19
C VAL A 286 -21.44 -6.22 12.19
N THR A 287 -21.26 -6.63 13.44
CA THR A 287 -22.03 -6.15 14.58
C THR A 287 -21.09 -5.43 15.54
N GLU A 288 -21.64 -4.97 16.66
CA GLU A 288 -20.82 -4.26 17.64
C GLU A 288 -19.74 -5.15 18.22
N THR A 289 -19.99 -6.47 18.30
CA THR A 289 -19.08 -7.38 18.98
C THR A 289 -18.37 -8.37 18.06
N GLY A 290 -18.87 -8.59 16.84
CA GLY A 290 -18.29 -9.60 15.98
C GLY A 290 -18.31 -9.17 14.52
N ALA A 291 -17.81 -10.06 13.67
CA ALA A 291 -17.76 -9.83 12.24
C ALA A 291 -17.61 -11.17 11.52
N VAL A 292 -18.16 -11.24 10.31
CA VAL A 292 -18.04 -12.42 9.45
C VAL A 292 -17.24 -11.99 8.22
N TRP A 293 -16.22 -12.78 7.88
CA TRP A 293 -15.26 -12.38 6.86
C TRP A 293 -15.80 -12.58 5.45
N ALA A 294 -15.35 -11.73 4.54
CA ALA A 294 -15.67 -11.87 3.14
C ALA A 294 -14.91 -13.04 2.52
N PRO A 295 -15.32 -13.51 1.36
CA PRO A 295 -14.56 -14.58 0.69
C PRO A 295 -13.18 -14.10 0.26
N VAL A 296 -12.28 -15.07 0.07
CA VAL A 296 -10.99 -14.79 -0.56
C VAL A 296 -11.24 -14.32 -1.99
N PRO A 297 -10.53 -13.30 -2.50
CA PRO A 297 -9.41 -12.54 -1.92
C PRO A 297 -9.79 -11.29 -1.13
N GLU A 298 -11.05 -10.87 -1.17
CA GLU A 298 -11.46 -9.68 -0.44
C GLU A 298 -11.16 -9.81 1.05
N LYS A 299 -11.14 -11.03 1.56
CA LYS A 299 -10.85 -11.27 2.98
C LYS A 299 -9.53 -10.64 3.42
N PHE A 300 -8.56 -10.56 2.51
CA PHE A 300 -7.22 -10.08 2.85
C PHE A 300 -6.94 -8.67 2.35
N GLU A 301 -7.94 -7.96 1.85
CA GLU A 301 -7.76 -6.61 1.32
C GLU A 301 -8.67 -5.66 2.10
N ALA A 302 -8.08 -4.93 3.04
CA ALA A 302 -8.83 -4.04 3.93
C ALA A 302 -8.76 -2.60 3.45
N GLY A 303 -9.92 -1.93 3.45
CA GLY A 303 -9.97 -0.55 3.05
C GLY A 303 -9.88 -0.38 1.54
N THR A 304 -9.90 0.89 1.12
CA THR A 304 -9.84 1.22 -0.30
C THR A 304 -8.48 0.83 -0.87
N GLN A 305 -8.51 0.07 -1.96
CA GLN A 305 -7.30 -0.39 -2.61
C GLN A 305 -6.82 0.62 -3.66
N ASP A 306 -5.56 0.47 -4.07
CA ASP A 306 -4.99 1.30 -5.13
C ASP A 306 -5.42 0.72 -6.47
N ALA A 307 -6.65 1.09 -6.87
CA ALA A 307 -7.22 0.53 -8.09
C ALA A 307 -6.46 0.98 -9.34
N ALA A 308 -5.92 2.19 -9.33
CA ALA A 308 -5.14 2.66 -10.47
C ALA A 308 -3.83 1.90 -10.58
N GLY A 309 -3.19 1.61 -9.46
CA GLY A 309 -1.96 0.82 -9.49
C GLY A 309 -2.22 -0.62 -9.90
N ILE A 310 -3.35 -1.18 -9.46
CA ILE A 310 -3.73 -2.52 -9.91
C ILE A 310 -3.98 -2.53 -11.42
N TYR A 311 -4.67 -1.50 -11.92
CA TYR A 311 -4.91 -1.37 -13.35
C TYR A 311 -3.59 -1.25 -14.12
N ALA A 312 -2.67 -0.44 -13.61
CA ALA A 312 -1.37 -0.29 -14.27
C ALA A 312 -0.54 -1.55 -14.18
N THR A 313 -0.72 -2.35 -13.12
CA THR A 313 -0.01 -3.62 -13.01
C THR A 313 -0.49 -4.60 -14.08
N GLY A 314 -1.79 -4.60 -14.36
CA GLY A 314 -2.30 -5.41 -15.46
C GLY A 314 -1.72 -4.98 -16.80
N ALA A 315 -1.53 -3.67 -16.99
CA ALA A 315 -0.88 -3.19 -18.20
C ALA A 315 0.57 -3.60 -18.27
N ALA A 316 1.25 -3.68 -17.13
CA ALA A 316 2.63 -4.18 -17.11
C ALA A 316 2.68 -5.64 -17.51
N ILE A 317 1.70 -6.44 -17.06
CA ILE A 317 1.62 -7.83 -17.46
C ILE A 317 1.43 -7.95 -18.97
N LYS A 318 0.49 -7.16 -19.51
CA LYS A 318 0.23 -7.20 -20.95
C LYS A 318 1.43 -6.70 -21.75
N TYR A 319 2.17 -5.72 -21.21
CA TYR A 319 3.38 -5.26 -21.88
C TYR A 319 4.42 -6.37 -21.93
N LEU A 320 4.61 -7.09 -20.82
CA LEU A 320 5.58 -8.18 -20.78
C LEU A 320 5.14 -9.33 -21.66
N ASN A 321 3.84 -9.62 -21.72
CA ASN A 321 3.34 -10.68 -22.58
C ASN A 321 3.60 -10.36 -24.05
N GLY A 322 3.47 -9.09 -24.43
CA GLY A 322 3.72 -8.71 -25.81
C GLY A 322 5.16 -8.86 -26.22
N LEU A 323 6.10 -8.63 -25.29
CA LEU A 323 7.52 -8.83 -25.58
C LEU A 323 7.89 -10.30 -25.63
N ASP A 324 6.97 -11.18 -25.27
CA ASP A 324 7.26 -12.60 -25.05
C ASP A 324 8.28 -12.75 -23.95
N MET A 325 7.83 -13.40 -22.86
CA MET A 325 8.65 -13.56 -21.66
C MET A 325 9.82 -14.49 -21.90
N ALA A 326 9.71 -15.36 -22.90
CA ALA A 326 10.80 -16.24 -23.25
C ALA A 326 11.93 -15.47 -23.91
N LYS A 327 11.60 -14.38 -24.62
CA LYS A 327 12.66 -13.55 -25.21
C LYS A 327 13.31 -12.67 -24.15
N ILE A 328 12.51 -12.18 -23.20
CA ILE A 328 13.04 -11.41 -22.08
C ILE A 328 14.03 -12.25 -21.29
N GLU A 329 13.64 -13.48 -20.94
CA GLU A 329 14.56 -14.36 -20.20
C GLU A 329 15.84 -14.56 -20.99
N LYS A 330 15.72 -15.01 -22.24
CA LYS A 330 16.90 -15.31 -23.06
C LYS A 330 17.85 -14.12 -23.15
N ARG A 331 17.31 -12.92 -23.37
CA ARG A 331 18.16 -11.74 -23.48
C ARG A 331 18.83 -11.43 -22.14
N GLU A 332 18.12 -11.63 -21.03
CA GLU A 332 18.68 -11.31 -19.73
C GLU A 332 19.75 -12.32 -19.31
N GLU A 333 19.64 -13.57 -19.76
CA GLU A 333 20.72 -14.53 -19.52
C GLU A 333 22.00 -14.09 -20.22
N LEU A 334 21.88 -13.49 -21.41
CA LEU A 334 23.05 -13.01 -22.13
C LEU A 334 23.63 -11.77 -21.47
N LEU A 335 22.78 -10.89 -20.97
CA LEU A 335 23.26 -9.68 -20.31
C LEU A 335 23.98 -10.00 -19.02
N ALA A 336 23.49 -10.98 -18.27
CA ALA A 336 24.18 -11.40 -17.05
C ALA A 336 25.50 -12.10 -17.37
N ARG A 337 25.51 -12.92 -18.42
CA ARG A 337 26.74 -13.59 -18.83
C ARG A 337 27.78 -12.57 -19.29
N TYR A 338 27.36 -11.55 -20.03
CA TYR A 338 28.28 -10.49 -20.44
C TYR A 338 28.79 -9.72 -19.24
N LEU A 339 27.88 -9.37 -18.32
CA LEU A 339 28.28 -8.60 -17.14
C LEU A 339 29.29 -9.36 -16.29
N VAL A 340 29.08 -10.67 -16.12
CA VAL A 340 29.98 -11.48 -15.29
C VAL A 340 31.33 -11.64 -15.98
N GLN A 341 31.33 -11.95 -17.28
CA GLN A 341 32.59 -12.12 -17.98
C GLN A 341 33.39 -10.83 -18.06
N GLN A 342 32.70 -9.68 -18.16
CA GLN A 342 33.40 -8.40 -18.23
C GLN A 342 34.00 -8.02 -16.88
N LEU A 343 33.26 -8.27 -15.79
CA LEU A 343 33.82 -8.02 -14.46
C LEU A 343 34.99 -8.95 -14.17
N CYS A 344 35.00 -10.15 -14.76
CA CYS A 344 36.10 -11.08 -14.55
C CYS A 344 37.39 -10.61 -15.23
N THR A 345 37.29 -9.79 -16.27
CA THR A 345 38.48 -9.26 -16.93
C THR A 345 39.18 -8.18 -16.13
N LEU A 346 38.57 -7.69 -15.05
CA LEU A 346 39.16 -6.65 -14.22
C LEU A 346 39.88 -7.30 -13.05
N ASP A 347 41.20 -7.12 -12.99
CA ASP A 347 42.01 -7.78 -11.96
C ASP A 347 41.71 -7.23 -10.56
N PHE A 348 41.19 -6.02 -10.46
CA PHE A 348 40.94 -5.39 -9.17
C PHE A 348 39.54 -5.62 -8.65
N VAL A 349 38.74 -6.45 -9.32
CA VAL A 349 37.35 -6.69 -8.97
C VAL A 349 37.20 -8.12 -8.50
N ASP A 350 36.50 -8.31 -7.38
CA ASP A 350 36.21 -9.63 -6.84
C ASP A 350 34.71 -9.83 -6.81
N ILE A 351 34.22 -10.82 -7.56
CA ILE A 351 32.80 -11.14 -7.56
C ILE A 351 32.42 -11.75 -6.23
N VAL A 352 31.36 -11.21 -5.61
CA VAL A 352 30.79 -11.80 -4.41
C VAL A 352 29.68 -12.74 -4.89
N GLY A 353 30.04 -14.01 -5.05
CA GLY A 353 29.14 -15.02 -5.58
C GLY A 353 29.83 -15.83 -6.64
N SER A 354 29.02 -16.59 -7.39
CA SER A 354 29.57 -17.48 -8.40
C SER A 354 30.23 -16.71 -9.52
N LYS A 355 31.42 -17.16 -9.92
CA LYS A 355 32.13 -16.55 -11.03
C LYS A 355 31.58 -16.99 -12.38
N LEU A 356 30.59 -17.88 -12.42
CA LEU A 356 30.07 -18.37 -13.69
C LEU A 356 28.92 -17.47 -14.12
N GLY A 357 29.01 -16.94 -15.35
CA GLY A 357 27.97 -16.05 -15.84
C GLY A 357 26.61 -16.71 -15.91
N GLN A 358 26.57 -18.02 -16.18
CA GLN A 358 25.31 -18.74 -16.31
C GLN A 358 24.60 -18.94 -14.98
N ASN A 359 25.25 -18.65 -13.86
CA ASN A 359 24.69 -18.88 -12.54
C ASN A 359 24.16 -17.60 -11.89
N HIS A 360 23.98 -16.53 -12.65
CA HIS A 360 23.49 -15.26 -12.13
C HIS A 360 22.20 -14.88 -12.85
N VAL A 361 21.11 -14.82 -12.09
CA VAL A 361 19.83 -14.33 -12.60
C VAL A 361 19.68 -12.91 -12.09
N GLY A 362 19.92 -11.93 -12.96
CA GLY A 362 19.72 -10.54 -12.62
C GLY A 362 20.87 -9.87 -11.90
N ALA A 363 21.20 -10.33 -10.69
CA ALA A 363 22.09 -9.60 -9.79
C ALA A 363 23.50 -10.16 -9.84
N VAL A 364 24.48 -9.26 -9.76
CA VAL A 364 25.89 -9.61 -9.67
C VAL A 364 26.51 -8.69 -8.62
N ALA A 365 26.88 -9.25 -7.47
CA ALA A 365 27.54 -8.48 -6.42
C ALA A 365 29.05 -8.59 -6.56
N PHE A 366 29.74 -7.50 -6.22
CA PHE A 366 31.19 -7.45 -6.39
C PHE A 366 31.77 -6.38 -5.49
N ASN A 367 33.10 -6.33 -5.45
CA ASN A 367 33.84 -5.32 -4.71
C ASN A 367 35.07 -4.92 -5.49
N VAL A 368 35.39 -3.64 -5.45
CA VAL A 368 36.72 -3.16 -5.84
C VAL A 368 37.58 -3.22 -4.59
N ARG A 369 38.63 -4.05 -4.63
CA ARG A 369 39.33 -4.41 -3.40
C ARG A 369 39.89 -3.18 -2.71
N GLY A 370 39.79 -3.16 -1.39
CA GLY A 370 40.28 -2.05 -0.60
C GLY A 370 39.60 -0.73 -0.87
N VAL A 371 38.50 -0.76 -1.61
CA VAL A 371 37.72 0.44 -1.92
C VAL A 371 36.31 0.23 -1.39
N HIS A 372 35.84 1.18 -0.58
CA HIS A 372 34.52 1.04 0.00
C HIS A 372 33.45 1.14 -1.07
N PRO A 373 32.38 0.34 -0.98
CA PRO A 373 31.31 0.41 -2.00
C PRO A 373 30.68 1.78 -2.13
N HIS A 374 30.62 2.56 -1.05
CA HIS A 374 30.08 3.92 -1.16
C HIS A 374 30.97 4.79 -2.03
N ASP A 375 32.29 4.59 -2.00
CA ASP A 375 33.18 5.33 -2.87
C ASP A 375 33.02 4.90 -4.32
N VAL A 376 32.87 3.59 -4.54
CA VAL A 376 32.64 3.10 -5.90
C VAL A 376 31.36 3.68 -6.47
N SER A 377 30.28 3.66 -5.68
CA SER A 377 28.99 4.13 -6.17
C SER A 377 29.00 5.64 -6.42
N SER A 378 29.74 6.40 -5.61
CA SER A 378 29.77 7.85 -5.80
C SER A 378 30.50 8.23 -7.09
N ILE A 379 31.56 7.50 -7.43
CA ILE A 379 32.27 7.77 -8.68
C ILE A 379 31.43 7.36 -9.87
N LEU A 380 30.76 6.20 -9.78
CA LEU A 380 29.89 5.77 -10.85
C LEU A 380 28.70 6.71 -11.03
N ASP A 381 28.25 7.35 -9.95
CA ASP A 381 27.17 8.33 -10.06
C ASP A 381 27.55 9.48 -10.98
N MET A 382 28.79 9.96 -10.87
CA MET A 382 29.23 11.07 -11.72
C MET A 382 29.28 10.66 -13.18
N ASN A 383 29.47 9.38 -13.46
CA ASN A 383 29.44 8.86 -14.82
C ASN A 383 28.04 8.43 -15.25
N ASN A 384 27.02 8.76 -14.46
CA ASN A 384 25.63 8.40 -14.75
C ASN A 384 25.46 6.88 -14.84
N VAL A 385 26.14 6.16 -13.95
CA VAL A 385 25.98 4.72 -13.81
C VAL A 385 25.37 4.46 -12.44
N CYS A 386 24.18 3.86 -12.42
CA CYS A 386 23.44 3.62 -11.19
C CYS A 386 23.59 2.17 -10.78
N ILE A 387 24.23 1.92 -9.63
CA ILE A 387 24.29 0.62 -9.01
C ILE A 387 23.91 0.77 -7.53
N ARG A 388 23.76 -0.36 -6.85
CA ARG A 388 23.41 -0.37 -5.44
C ARG A 388 24.57 -0.86 -4.59
N ALA A 389 24.83 -0.14 -3.51
CA ALA A 389 25.99 -0.35 -2.65
C ALA A 389 25.53 -0.40 -1.20
N GLY A 390 26.08 -1.35 -0.45
CA GLY A 390 25.71 -1.51 0.94
C GLY A 390 25.44 -2.96 1.30
N HIS A 391 24.38 -3.21 2.07
CA HIS A 391 24.02 -4.56 2.49
C HIS A 391 22.97 -5.21 1.60
N HIS A 392 22.27 -4.43 0.78
CA HIS A 392 21.25 -4.94 -0.15
C HIS A 392 20.16 -5.71 0.58
N CYS A 393 19.87 -5.31 1.81
CA CYS A 393 18.82 -5.91 2.64
C CYS A 393 19.03 -7.42 2.81
N ALA A 394 20.29 -7.84 2.86
CA ALA A 394 20.64 -9.25 3.07
C ALA A 394 21.90 -9.33 3.93
N GLU A 395 21.86 -8.68 5.10
CA GLU A 395 23.02 -8.62 5.98
C GLU A 395 23.41 -9.98 6.54
N PRO A 396 22.47 -10.84 6.97
CA PRO A 396 22.88 -12.19 7.41
C PRO A 396 23.65 -12.95 6.34
N LEU A 397 23.31 -12.77 5.07
CA LEU A 397 24.08 -13.40 4.00
C LEU A 397 25.49 -12.84 3.93
N LEU A 398 25.62 -11.51 4.03
CA LEU A 398 26.93 -10.89 3.94
C LEU A 398 27.80 -11.25 5.14
N ILE A 399 27.20 -11.36 6.33
CA ILE A 399 27.93 -11.81 7.51
C ILE A 399 28.43 -13.24 7.31
N GLU A 400 27.58 -14.08 6.70
CA GLU A 400 27.97 -15.46 6.43
C GLU A 400 29.17 -15.53 5.48
N LEU A 401 29.21 -14.64 4.50
CA LEU A 401 30.30 -14.58 3.54
C LEU A 401 31.48 -13.75 4.02
N HIS A 402 31.44 -13.26 5.26
CA HIS A 402 32.49 -12.41 5.83
C HIS A 402 32.73 -11.17 4.97
N GLU A 403 31.65 -10.62 4.43
CA GLU A 403 31.66 -9.35 3.73
C GLU A 403 30.93 -8.32 4.57
N SER A 404 31.49 -7.11 4.64
CA SER A 404 30.86 -6.03 5.39
C SER A 404 29.89 -5.22 4.52
N SER A 405 30.21 -5.03 3.25
CA SER A 405 29.35 -4.36 2.29
C SER A 405 29.93 -4.57 0.90
N THR A 406 29.05 -4.65 -0.10
CA THR A 406 29.46 -4.90 -1.48
C THR A 406 28.76 -3.92 -2.41
N CYS A 407 29.25 -3.86 -3.64
CA CYS A 407 28.53 -3.25 -4.74
C CYS A 407 27.62 -4.29 -5.37
N ARG A 408 26.60 -3.80 -6.07
CA ARG A 408 25.70 -4.71 -6.77
C ARG A 408 25.23 -4.05 -8.06
N ALA A 409 25.56 -4.67 -9.19
CA ALA A 409 25.04 -4.29 -10.49
C ALA A 409 24.05 -5.35 -10.95
N SER A 410 22.98 -4.93 -11.59
CA SER A 410 21.91 -5.83 -11.97
C SER A 410 21.37 -5.41 -13.33
N VAL A 411 20.89 -6.37 -14.09
CA VAL A 411 20.51 -6.15 -15.48
C VAL A 411 19.03 -6.46 -15.68
N ALA A 412 18.43 -5.76 -16.64
CA ALA A 412 17.08 -6.00 -17.08
C ALA A 412 17.06 -6.06 -18.60
N PHE A 413 15.92 -6.46 -19.17
CA PHE A 413 15.85 -6.67 -20.61
C PHE A 413 16.04 -5.36 -21.38
N TYR A 414 15.71 -4.23 -20.77
CA TYR A 414 15.93 -2.94 -21.43
C TYR A 414 17.35 -2.43 -21.29
N ASN A 415 18.23 -3.17 -20.62
CA ASN A 415 19.64 -2.88 -20.63
C ASN A 415 20.28 -3.42 -21.91
N ASP A 416 21.50 -2.98 -22.19
CA ASP A 416 22.21 -3.43 -23.37
C ASP A 416 23.70 -3.46 -23.08
N LYS A 417 24.45 -3.95 -24.07
CA LYS A 417 25.91 -4.05 -23.93
C LYS A 417 26.54 -2.70 -23.62
N HIS A 418 25.94 -1.61 -24.11
CA HIS A 418 26.50 -0.29 -23.86
C HIS A 418 26.42 0.10 -22.39
N ASP A 419 25.33 -0.28 -21.71
CA ASP A 419 25.21 0.02 -20.29
C ASP A 419 26.30 -0.70 -19.49
N ILE A 420 26.56 -1.96 -19.80
CA ILE A 420 27.54 -2.74 -19.05
C ILE A 420 28.96 -2.26 -19.34
N ASP A 421 29.25 -1.94 -20.61
CA ASP A 421 30.55 -1.37 -20.94
C ASP A 421 30.78 -0.04 -20.25
N GLN A 422 29.70 0.72 -20.02
CA GLN A 422 29.83 2.00 -19.33
C GLN A 422 30.10 1.80 -17.85
N LEU A 423 29.61 0.69 -17.27
CA LEU A 423 29.99 0.34 -15.91
C LEU A 423 31.45 -0.10 -15.85
N ILE A 424 31.88 -0.92 -16.81
CA ILE A 424 33.26 -1.40 -16.83
C ILE A 424 34.22 -0.22 -16.97
N GLU A 425 33.89 0.75 -17.81
CA GLU A 425 34.72 1.94 -17.94
C GLU A 425 34.73 2.75 -16.65
N GLY A 426 33.56 2.89 -16.01
CA GLY A 426 33.51 3.61 -14.75
C GLY A 426 34.31 2.95 -13.65
N LEU A 427 34.37 1.62 -13.64
CA LEU A 427 35.17 0.92 -12.65
C LEU A 427 36.67 1.12 -12.89
N ASN A 428 37.09 1.24 -14.15
CA ASN A 428 38.47 1.59 -14.44
C ASN A 428 38.79 2.99 -13.91
N GLN A 429 37.82 3.90 -13.99
CA GLN A 429 38.01 5.23 -13.41
C GLN A 429 38.09 5.17 -11.89
N VAL A 430 37.28 4.30 -11.27
CA VAL A 430 37.34 4.14 -9.82
C VAL A 430 38.72 3.67 -9.40
N TRP A 431 39.26 2.67 -10.11
CA TRP A 431 40.57 2.13 -9.75
C TRP A 431 41.68 3.14 -9.98
N LYS A 432 41.57 3.98 -11.01
CA LYS A 432 42.58 5.00 -11.24
C LYS A 432 42.59 6.04 -10.13
N ILE A 433 41.45 6.28 -9.49
CA ILE A 433 41.38 7.23 -8.39
C ILE A 433 41.94 6.62 -7.11
N PHE A 434 41.39 5.48 -6.70
CA PHE A 434 41.83 4.80 -5.49
C PHE A 434 42.86 3.73 -5.80
N MET B 19 -30.93 29.68 3.10
CA MET B 19 -29.68 30.34 2.73
C MET B 19 -29.95 31.68 2.04
N THR B 20 -29.00 32.61 2.17
CA THR B 20 -29.14 33.92 1.56
C THR B 20 -28.89 33.84 0.05
N ASP B 21 -29.19 34.95 -0.64
CA ASP B 21 -29.06 34.97 -2.09
C ASP B 21 -27.60 35.01 -2.51
N THR B 22 -26.77 35.74 -1.77
CA THR B 22 -25.32 35.73 -2.00
C THR B 22 -24.72 34.35 -1.73
N GLU B 23 -25.30 33.57 -0.82
CA GLU B 23 -24.79 32.22 -0.60
C GLU B 23 -25.10 31.31 -1.77
N VAL B 24 -26.31 31.40 -2.32
CA VAL B 24 -26.67 30.59 -3.47
C VAL B 24 -25.87 30.98 -4.70
N ALA B 25 -25.52 32.27 -4.83
CA ALA B 25 -24.71 32.70 -5.96
C ALA B 25 -23.30 32.15 -5.88
N GLN B 26 -22.76 32.00 -4.67
CA GLN B 26 -21.40 31.48 -4.52
C GLN B 26 -21.31 30.03 -4.99
N ILE B 27 -22.28 29.19 -4.61
CA ILE B 27 -22.26 27.80 -5.02
C ILE B 27 -22.83 27.59 -6.42
N THR B 28 -23.50 28.61 -6.99
CA THR B 28 -23.88 28.54 -8.39
C THR B 28 -22.65 28.56 -9.29
N ASP B 29 -21.71 29.45 -9.00
CA ASP B 29 -20.44 29.49 -9.72
C ASP B 29 -19.56 28.31 -9.31
N ASN B 30 -18.69 27.88 -10.24
CA ASN B 30 -17.79 26.76 -9.99
C ASN B 30 -16.44 27.06 -10.63
N PRO B 31 -15.50 27.64 -9.86
CA PRO B 31 -14.16 27.87 -10.37
C PRO B 31 -13.21 26.68 -10.24
N TYR B 32 -13.69 25.51 -9.84
CA TYR B 32 -12.82 24.41 -9.47
C TYR B 32 -12.94 23.19 -10.38
N LYS B 33 -14.13 22.89 -10.91
CA LYS B 33 -14.33 21.63 -11.61
C LYS B 33 -13.50 21.51 -12.88
N ALA B 34 -13.00 22.63 -13.42
CA ALA B 34 -12.15 22.57 -14.61
C ALA B 34 -10.79 21.95 -14.32
N ASP B 35 -10.36 21.94 -13.06
CA ASP B 35 -9.08 21.34 -12.67
C ASP B 35 -9.14 19.82 -12.64
N PHE B 36 -10.30 19.22 -12.86
CA PHE B 36 -10.47 17.77 -12.75
C PHE B 36 -10.78 17.19 -14.11
N PRO B 37 -9.85 16.46 -14.74
CA PRO B 37 -10.07 15.99 -16.11
C PRO B 37 -11.32 15.15 -16.29
N ILE B 38 -11.69 14.33 -15.30
CA ILE B 38 -12.86 13.47 -15.48
C ILE B 38 -14.15 14.28 -15.49
N LEU B 39 -14.16 15.43 -14.81
CA LEU B 39 -15.36 16.26 -14.78
C LEU B 39 -15.41 17.22 -15.96
N ALA B 40 -14.26 17.75 -16.37
CA ALA B 40 -14.23 18.63 -17.54
C ALA B 40 -14.58 17.87 -18.82
N ALA B 41 -14.18 16.59 -18.90
CA ALA B 41 -14.48 15.78 -20.07
C ALA B 41 -15.88 15.21 -20.04
N ASN B 42 -16.54 15.21 -18.89
CA ASN B 42 -17.90 14.69 -18.74
C ASN B 42 -18.73 15.71 -17.95
N PRO B 43 -19.08 16.84 -18.57
CA PRO B 43 -19.75 17.92 -17.82
C PRO B 43 -21.18 17.61 -17.43
N LYS B 44 -21.79 16.57 -17.98
CA LYS B 44 -23.16 16.21 -17.63
C LYS B 44 -23.25 15.39 -16.36
N VAL B 45 -22.14 14.86 -15.86
CA VAL B 45 -22.13 13.96 -14.72
C VAL B 45 -22.08 14.76 -13.44
N ALA B 46 -22.98 14.45 -12.51
CA ALA B 46 -22.99 15.04 -11.17
C ALA B 46 -22.47 13.98 -10.21
N TYR B 47 -21.20 14.09 -9.84
CA TYR B 47 -20.56 13.14 -8.95
C TYR B 47 -20.77 13.58 -7.50
N LEU B 48 -21.59 12.86 -6.77
CA LEU B 48 -21.93 13.16 -5.39
C LEU B 48 -21.57 12.02 -4.46
N ASP B 49 -20.38 11.44 -4.64
CA ASP B 49 -19.89 10.37 -3.79
C ASP B 49 -18.45 10.62 -3.39
N SER B 50 -18.12 11.89 -3.09
CA SER B 50 -16.77 12.22 -2.65
C SER B 50 -16.45 11.64 -1.29
N ALA B 51 -17.47 11.30 -0.49
CA ALA B 51 -17.24 10.65 0.80
C ALA B 51 -16.63 9.27 0.64
N TYR B 52 -16.83 8.62 -0.52
CA TYR B 52 -16.12 7.38 -0.79
C TYR B 52 -14.70 7.66 -1.28
N THR B 53 -14.56 8.48 -2.31
CA THR B 53 -13.25 8.88 -2.81
C THR B 53 -13.43 10.14 -3.66
N SER B 54 -12.36 10.92 -3.75
CA SER B 54 -12.39 12.14 -4.53
C SER B 54 -12.12 11.86 -6.00
N GLN B 55 -12.37 12.87 -6.82
CA GLN B 55 -11.83 12.89 -8.16
C GLN B 55 -10.45 13.53 -8.13
N ARG B 56 -9.66 13.25 -9.15
CA ARG B 56 -8.26 13.66 -9.04
C ARG B 56 -7.99 14.92 -9.82
N PRO B 57 -7.39 15.93 -9.20
CA PRO B 57 -6.97 17.12 -9.96
C PRO B 57 -5.91 16.76 -10.98
N ARG B 58 -5.88 17.52 -12.07
CA ARG B 58 -4.90 17.26 -13.13
C ARG B 58 -3.48 17.33 -12.61
N VAL B 59 -3.20 18.29 -11.72
CA VAL B 59 -1.86 18.44 -11.17
C VAL B 59 -1.43 17.19 -10.41
N VAL B 60 -2.37 16.52 -9.76
CA VAL B 60 -2.03 15.32 -8.99
C VAL B 60 -1.73 14.16 -9.94
N ILE B 61 -2.56 13.98 -10.97
CA ILE B 61 -2.32 12.93 -11.95
C ILE B 61 -1.00 13.17 -12.66
N GLU B 62 -0.72 14.42 -13.04
CA GLU B 62 0.52 14.74 -13.74
C GLU B 62 1.74 14.53 -12.85
N ALA B 63 1.61 14.86 -11.57
CA ALA B 63 2.74 14.68 -10.64
C ALA B 63 3.16 13.23 -10.55
N GLN B 64 2.18 12.31 -10.53
CA GLN B 64 2.50 10.88 -10.46
C GLN B 64 3.24 10.44 -11.72
N SER B 65 2.75 10.85 -12.88
CA SER B 65 3.42 10.49 -14.13
CA SER B 65 3.43 10.48 -14.13
C SER B 65 4.79 11.15 -14.25
N ARG B 66 4.92 12.38 -13.74
CA ARG B 66 6.20 13.07 -13.81
C ARG B 66 7.25 12.39 -12.94
N PHE B 67 6.84 11.84 -11.79
CA PHE B 67 7.78 11.10 -10.96
C PHE B 67 8.33 9.89 -11.69
N TYR B 68 7.44 9.11 -12.33
CA TYR B 68 7.90 7.93 -13.05
C TYR B 68 8.71 8.29 -14.29
N GLU B 69 8.44 9.46 -14.88
CA GLU B 69 9.13 9.86 -16.09
C GLU B 69 10.52 10.43 -15.82
N THR B 70 10.72 11.06 -14.66
CA THR B 70 11.95 11.83 -14.42
C THR B 70 12.61 11.56 -13.07
N MET B 71 11.92 10.97 -12.10
CA MET B 71 12.44 10.86 -10.75
C MET B 71 12.61 9.43 -10.25
N ASN B 72 12.11 8.43 -10.98
CA ASN B 72 12.07 7.06 -10.49
C ASN B 72 13.47 6.56 -10.18
N ALA B 73 13.69 6.16 -8.92
CA ALA B 73 14.96 5.60 -8.45
C ALA B 73 16.14 6.55 -8.63
N ASN B 74 15.86 7.86 -8.72
CA ASN B 74 16.90 8.88 -8.88
C ASN B 74 17.85 8.54 -10.05
N ALA B 75 17.27 8.01 -11.13
CA ALA B 75 18.09 7.58 -12.25
C ALA B 75 18.79 8.75 -12.94
N LEU B 76 18.23 9.95 -12.82
CA LEU B 76 18.79 11.15 -13.43
C LEU B 76 19.59 11.99 -12.43
N ARG B 77 20.13 11.34 -11.40
CA ARG B 77 20.85 12.09 -10.36
C ARG B 77 22.07 12.82 -10.92
N GLY B 78 22.69 12.27 -11.95
CA GLY B 78 23.85 12.91 -12.55
C GLY B 78 23.46 13.87 -13.67
N ASP B 85 16.91 14.24 -5.40
CA ASP B 85 15.62 14.77 -5.81
C ASP B 85 14.47 13.92 -5.26
N ALA B 86 14.49 12.62 -5.57
CA ALA B 86 13.39 11.75 -5.15
C ALA B 86 13.36 11.58 -3.64
N THR B 87 14.52 11.39 -3.01
CA THR B 87 14.57 11.26 -1.56
C THR B 87 14.08 12.53 -0.88
N ALA B 88 14.53 13.69 -1.37
CA ALA B 88 14.06 14.95 -0.80
C ALA B 88 12.58 15.16 -1.06
N ALA B 89 12.05 14.58 -2.14
CA ALA B 89 10.63 14.77 -2.46
C ALA B 89 9.74 14.13 -1.40
N ILE B 90 10.14 12.97 -0.86
CA ILE B 90 9.33 12.31 0.15
C ILE B 90 9.35 13.11 1.45
N GLU B 91 10.56 13.47 1.92
CA GLU B 91 10.65 14.47 2.98
C GLU B 91 9.90 15.74 2.73
N ASP B 92 9.93 16.31 1.52
CA ASP B 92 9.15 17.52 1.34
C ASP B 92 7.66 17.23 1.47
N ALA B 93 7.25 16.02 1.06
CA ALA B 93 5.84 15.64 1.17
C ALA B 93 5.43 15.43 2.62
N ARG B 94 6.28 14.80 3.43
CA ARG B 94 5.95 14.64 4.84
C ARG B 94 5.79 15.99 5.51
N ALA B 95 6.66 16.95 5.17
CA ALA B 95 6.61 18.26 5.81
C ALA B 95 5.33 18.99 5.45
N SER B 96 4.95 18.97 4.16
CA SER B 96 3.73 19.68 3.75
C SER B 96 2.49 19.01 4.33
N ILE B 97 2.50 17.68 4.46
CA ILE B 97 1.39 17.00 5.12
C ILE B 97 1.35 17.36 6.59
N ALA B 98 2.52 17.36 7.26
CA ALA B 98 2.57 17.69 8.68
C ALA B 98 2.06 19.11 8.93
N LYS B 99 2.48 20.06 8.09
CA LYS B 99 1.98 21.42 8.23
C LYS B 99 0.46 21.43 8.10
N PHE B 100 -0.04 20.77 7.05
CA PHE B 100 -1.45 20.84 6.66
C PHE B 100 -2.38 20.45 7.80
N ILE B 101 -1.94 19.53 8.67
CA ILE B 101 -2.73 19.11 9.81
C ILE B 101 -2.28 19.82 11.09
N GLY B 102 -1.55 20.93 10.96
CA GLY B 102 -1.13 21.69 12.13
C GLY B 102 -0.04 21.04 12.95
N ALA B 103 0.66 20.05 12.39
CA ALA B 103 1.74 19.37 13.12
C ALA B 103 3.06 20.13 12.91
N VAL B 104 3.15 21.27 13.61
CA VAL B 104 4.36 22.08 13.62
C VAL B 104 4.76 22.33 15.07
N ASP B 105 6.06 22.48 15.29
CA ASP B 105 6.57 22.63 16.65
C ASP B 105 6.41 24.08 17.12
N LYS B 106 7.06 24.42 18.23
CA LYS B 106 6.94 25.76 18.79
C LYS B 106 7.52 26.82 17.86
N ASN B 107 8.49 26.45 17.03
CA ASN B 107 9.20 27.40 16.18
C ASN B 107 8.73 27.34 14.73
N ASP B 108 7.51 26.87 14.49
CA ASP B 108 6.88 26.82 13.17
C ASP B 108 7.58 25.86 12.20
N LYS B 109 8.33 24.89 12.73
CA LYS B 109 8.96 23.86 11.92
C LYS B 109 8.03 22.65 11.82
N PRO B 110 7.71 22.18 10.61
CA PRO B 110 6.81 21.02 10.49
C PRO B 110 7.41 19.77 11.12
N GLU B 111 6.55 19.00 11.79
CA GLU B 111 6.96 17.75 12.42
C GLU B 111 6.92 16.62 11.40
N SER B 112 7.84 16.70 10.43
CA SER B 112 7.85 15.75 9.33
C SER B 112 8.17 14.33 9.79
N GLN B 113 8.98 14.19 10.83
CA GLN B 113 9.38 12.87 11.32
C GLN B 113 8.28 12.19 12.12
N GLN B 114 7.11 12.83 12.27
CA GLN B 114 5.97 12.22 12.93
C GLN B 114 4.88 11.82 11.94
N ILE B 115 5.17 11.87 10.64
CA ILE B 115 4.23 11.48 9.60
C ILE B 115 4.63 10.11 9.09
N ILE B 116 3.71 9.16 9.15
CA ILE B 116 3.92 7.79 8.69
C ILE B 116 2.97 7.51 7.54
N PHE B 117 3.49 6.85 6.50
CA PHE B 117 2.71 6.53 5.31
C PHE B 117 2.21 5.10 5.37
N THR B 118 0.92 4.91 5.09
CA THR B 118 0.32 3.59 4.97
C THR B 118 -0.39 3.50 3.62
N ARG B 119 -1.12 2.40 3.37
CA ARG B 119 -1.89 2.31 2.15
C ARG B 119 -3.19 3.11 2.24
N ASN B 120 -3.80 3.17 3.41
CA ASN B 120 -5.05 3.90 3.59
C ASN B 120 -5.27 4.10 5.09
N THR B 121 -6.39 4.73 5.43
CA THR B 121 -6.77 4.88 6.84
C THR B 121 -6.89 3.54 7.52
N SER B 122 -7.39 2.53 6.80
CA SER B 122 -7.62 1.22 7.40
C SER B 122 -6.33 0.60 7.92
N GLU B 123 -5.27 0.63 7.11
CA GLU B 123 -3.98 0.08 7.56
C GLU B 123 -3.43 0.88 8.73
N ALA B 124 -3.61 2.20 8.71
CA ALA B 124 -3.13 3.02 9.82
C ALA B 124 -3.83 2.66 11.13
N LEU B 125 -5.13 2.35 11.06
CA LEU B 125 -5.85 1.96 12.26
C LEU B 125 -5.49 0.54 12.70
N ASN B 126 -5.21 -0.35 11.75
CA ASN B 126 -4.71 -1.67 12.10
C ASN B 126 -3.33 -1.56 12.76
N LEU B 127 -2.49 -0.65 12.26
CA LEU B 127 -1.19 -0.42 12.88
C LEU B 127 -1.34 0.03 14.32
N VAL B 128 -2.19 1.02 14.56
CA VAL B 128 -2.37 1.56 15.91
C VAL B 128 -2.94 0.48 16.83
N ALA B 129 -3.99 -0.21 16.38
CA ALA B 129 -4.62 -1.22 17.23
C ALA B 129 -3.64 -2.33 17.59
N SER B 130 -2.80 -2.75 16.63
CA SER B 130 -1.86 -3.83 16.89
C SER B 130 -0.68 -3.36 17.73
N SER B 131 -0.06 -2.24 17.35
CA SER B 131 1.14 -1.78 18.03
CA SER B 131 1.14 -1.78 18.03
C SER B 131 0.81 -1.15 19.38
N LEU B 132 -0.13 -0.20 19.40
CA LEU B 132 -0.50 0.42 20.68
C LEU B 132 -1.25 -0.56 21.57
N GLY B 133 -2.02 -1.48 20.98
CA GLY B 133 -2.73 -2.46 21.79
C GLY B 133 -1.79 -3.41 22.49
N ARG B 134 -0.80 -3.94 21.75
CA ARG B 134 0.21 -4.79 22.38
C ARG B 134 1.00 -4.04 23.43
N TYR B 135 1.21 -2.73 23.23
CA TYR B 135 2.05 -1.97 24.15
C TYR B 135 1.32 -1.66 25.45
N ALA B 136 0.00 -1.43 25.39
CA ALA B 136 -0.72 -0.83 26.49
C ALA B 136 -1.82 -1.69 27.09
N LEU B 137 -2.48 -2.55 26.30
CA LEU B 137 -3.69 -3.19 26.76
C LEU B 137 -3.39 -4.40 27.64
N LYS B 138 -4.06 -4.45 28.79
CA LYS B 138 -4.04 -5.56 29.73
C LYS B 138 -5.47 -6.04 29.95
N PRO B 139 -5.66 -7.27 30.43
CA PRO B 139 -7.03 -7.75 30.68
C PRO B 139 -7.74 -6.87 31.71
N GLY B 140 -8.98 -6.49 31.37
CA GLY B 140 -9.75 -5.57 32.17
C GLY B 140 -9.76 -4.15 31.66
N ASP B 141 -8.77 -3.77 30.85
CA ASP B 141 -8.74 -2.44 30.28
C ASP B 141 -9.91 -2.24 29.32
N ASP B 142 -10.22 -0.98 29.06
CA ASP B 142 -11.30 -0.60 28.16
C ASP B 142 -10.73 0.05 26.91
N VAL B 143 -11.24 -0.35 25.76
CA VAL B 143 -11.07 0.37 24.50
C VAL B 143 -12.41 1.00 24.16
N VAL B 144 -12.43 2.32 24.02
CA VAL B 144 -13.67 3.07 23.85
C VAL B 144 -13.74 3.58 22.42
N ILE B 145 -14.80 3.21 21.71
CA ILE B 145 -15.09 3.75 20.38
C ILE B 145 -16.52 4.25 20.40
N SER B 146 -17.04 4.67 19.26
CA SER B 146 -18.41 5.16 19.17
C SER B 146 -19.23 4.28 18.23
N ILE B 147 -20.54 4.39 18.34
CA ILE B 147 -21.45 3.67 17.46
C ILE B 147 -21.41 4.20 16.03
N MET B 148 -20.83 5.38 15.82
CA MET B 148 -20.71 5.99 14.49
C MET B 148 -19.54 5.46 13.69
N GLU B 149 -18.71 4.60 14.26
CA GLU B 149 -17.42 4.30 13.65
C GLU B 149 -17.56 3.55 12.33
N HIS B 150 -16.70 3.91 11.38
CA HIS B 150 -16.48 3.10 10.20
C HIS B 150 -15.93 1.74 10.61
N HIS B 151 -16.19 0.72 9.78
CA HIS B 151 -15.75 -0.64 10.10
C HIS B 151 -14.25 -0.71 10.36
N SER B 152 -13.46 0.11 9.66
CA SER B 152 -12.02 0.09 9.86
C SER B 152 -11.60 0.60 11.23
N ASN B 153 -12.49 1.29 11.94
CA ASN B 153 -12.24 1.72 13.31
C ASN B 153 -13.06 0.90 14.32
N ILE B 154 -13.49 -0.30 13.94
CA ILE B 154 -14.23 -1.17 14.83
C ILE B 154 -13.53 -2.52 14.92
N ILE B 155 -13.38 -3.19 13.78
CA ILE B 155 -12.89 -4.58 13.78
C ILE B 155 -11.48 -4.69 14.31
N PRO B 156 -10.51 -3.82 13.97
CA PRO B 156 -9.19 -3.92 14.61
C PRO B 156 -9.25 -3.88 16.13
N TRP B 157 -10.19 -3.13 16.69
CA TRP B 157 -10.33 -3.10 18.15
C TRP B 157 -11.04 -4.36 18.66
N GLN B 158 -11.99 -4.90 17.90
CA GLN B 158 -12.55 -6.20 18.24
C GLN B 158 -11.46 -7.26 18.34
N GLN B 159 -10.52 -7.25 17.39
CA GLN B 159 -9.50 -8.28 17.34
C GLN B 159 -8.50 -8.13 18.48
N ILE B 160 -8.00 -6.91 18.70
CA ILE B 160 -6.97 -6.72 19.72
C ILE B 160 -7.55 -6.86 21.12
N CYS B 161 -8.84 -6.56 21.30
CA CYS B 161 -9.46 -6.75 22.60
C CYS B 161 -9.61 -8.23 22.93
N LYS B 162 -9.96 -9.04 21.93
CA LYS B 162 -10.06 -10.48 22.15
C LYS B 162 -8.69 -11.09 22.44
N ALA B 163 -7.63 -10.54 21.84
CA ALA B 163 -6.30 -11.08 22.05
C ALA B 163 -5.72 -10.68 23.41
N THR B 164 -6.08 -9.51 23.92
CA THR B 164 -5.50 -9.00 25.17
C THR B 164 -6.42 -9.14 26.36
N GLY B 165 -7.69 -9.46 26.16
CA GLY B 165 -8.64 -9.53 27.26
C GLY B 165 -9.24 -8.19 27.64
N ALA B 166 -9.04 -7.15 26.84
CA ALA B 166 -9.65 -5.86 27.10
C ALA B 166 -11.11 -5.87 26.64
N ASN B 167 -11.87 -4.86 27.08
CA ASN B 167 -13.29 -4.75 26.79
C ASN B 167 -13.53 -3.62 25.80
N LEU B 168 -14.37 -3.89 24.80
CA LEU B 168 -14.73 -2.89 23.80
C LEU B 168 -15.99 -2.17 24.27
N VAL B 169 -15.89 -0.84 24.42
CA VAL B 169 -16.95 -0.02 24.94
C VAL B 169 -17.39 0.96 23.86
N TYR B 170 -18.69 1.21 23.78
CA TYR B 170 -19.28 2.05 22.74
C TYR B 170 -19.86 3.32 23.32
N LEU B 171 -19.51 4.46 22.73
CA LEU B 171 -20.20 5.71 23.02
C LEU B 171 -21.46 5.78 22.18
N ARG B 172 -22.57 6.15 22.82
CA ARG B 172 -23.87 6.19 22.17
C ARG B 172 -24.21 7.62 21.74
N MET B 173 -25.18 7.72 20.83
CA MET B 173 -25.69 9.00 20.39
C MET B 173 -26.94 9.39 21.16
N ASN B 174 -27.24 10.68 21.16
CA ASN B 174 -28.52 11.17 21.66
C ASN B 174 -29.49 11.25 20.50
N SER B 175 -30.57 12.01 20.67
CA SER B 175 -31.54 12.13 19.60
C SER B 175 -31.12 13.10 18.50
N GLN B 176 -30.18 14.02 18.73
CA GLN B 176 -29.79 14.85 17.59
C GLN B 176 -28.47 14.33 17.00
N TYR B 177 -28.22 13.03 17.14
CA TYR B 177 -27.08 12.35 16.52
C TYR B 177 -25.74 12.92 17.00
N GLN B 178 -25.67 13.23 18.29
CA GLN B 178 -24.45 13.73 18.90
C GLN B 178 -24.08 12.86 20.09
N ILE B 179 -22.79 12.87 20.43
CA ILE B 179 -22.31 12.25 21.66
C ILE B 179 -22.32 13.32 22.75
N THR B 180 -23.09 13.08 23.80
CA THR B 180 -23.28 14.08 24.85
C THR B 180 -22.09 14.11 25.79
N PRO B 181 -21.87 15.25 26.47
CA PRO B 181 -20.84 15.27 27.52
C PRO B 181 -21.08 14.24 28.61
N GLU B 182 -22.34 13.91 28.91
CA GLU B 182 -22.63 12.90 29.91
C GLU B 182 -22.17 11.53 29.46
N GLU B 183 -22.38 11.21 28.17
CA GLU B 183 -21.91 9.93 27.65
C GLU B 183 -20.39 9.86 27.62
N ILE B 184 -19.72 10.98 27.37
CA ILE B 184 -18.26 11.00 27.34
C ILE B 184 -17.70 10.68 28.73
N ALA B 185 -18.30 11.24 29.78
CA ALA B 185 -17.80 11.02 31.12
C ALA B 185 -18.17 9.65 31.66
N SER B 186 -19.29 9.08 31.21
CA SER B 186 -19.74 7.80 31.74
CA SER B 186 -19.74 7.80 31.73
C SER B 186 -19.01 6.61 31.12
N LYS B 187 -18.66 6.70 29.83
CA LYS B 187 -18.01 5.59 29.16
C LYS B 187 -16.49 5.62 29.27
N ILE B 188 -15.89 6.80 29.32
CA ILE B 188 -14.44 6.95 29.44
C ILE B 188 -14.14 7.12 30.93
N THR B 189 -13.73 6.02 31.58
CA THR B 189 -13.47 5.99 33.01
C THR B 189 -12.00 5.65 33.26
N GLU B 190 -11.69 5.36 34.52
CA GLU B 190 -10.33 5.02 34.91
C GLU B 190 -9.85 3.72 34.29
N ARG B 191 -10.76 2.85 33.87
CA ARG B 191 -10.39 1.60 33.21
C ARG B 191 -9.98 1.80 31.75
N ALA B 192 -10.29 2.95 31.17
CA ALA B 192 -9.99 3.19 29.76
C ALA B 192 -8.49 3.28 29.53
N LYS B 193 -8.02 2.62 28.48
CA LYS B 193 -6.63 2.69 28.04
C LYS B 193 -6.48 3.31 26.66
N ILE B 194 -7.39 3.02 25.75
CA ILE B 194 -7.39 3.57 24.40
C ILE B 194 -8.78 4.09 24.06
N VAL B 195 -8.85 5.28 23.48
CA VAL B 195 -10.09 5.85 22.98
C VAL B 195 -9.89 6.20 21.51
N SER B 196 -10.70 5.61 20.64
CA SER B 196 -10.62 5.87 19.20
C SER B 196 -12.00 6.28 18.71
N VAL B 197 -12.13 7.53 18.27
CA VAL B 197 -13.41 8.11 17.86
C VAL B 197 -13.23 8.78 16.51
N THR B 198 -14.22 8.63 15.64
CA THR B 198 -14.19 9.31 14.36
C THR B 198 -14.39 10.81 14.54
N HIS B 199 -13.67 11.60 13.72
CA HIS B 199 -13.84 13.04 13.77
C HIS B 199 -15.13 13.47 13.10
N VAL B 200 -15.42 12.90 11.93
CA VAL B 200 -16.66 13.17 11.20
C VAL B 200 -17.21 11.84 10.69
N SER B 201 -18.47 11.56 10.99
CA SER B 201 -19.08 10.31 10.56
C SER B 201 -19.28 10.30 9.05
N ASN B 202 -18.94 9.18 8.43
CA ASN B 202 -19.08 9.03 6.99
C ASN B 202 -20.51 8.74 6.55
N VAL B 203 -21.45 8.62 7.49
CA VAL B 203 -22.86 8.40 7.18
C VAL B 203 -23.72 9.56 7.67
N LEU B 204 -23.57 9.93 8.94
CA LEU B 204 -24.38 11.01 9.51
C LEU B 204 -23.85 12.38 9.15
N GLY B 205 -22.56 12.49 8.87
CA GLY B 205 -21.95 13.80 8.70
C GLY B 205 -21.73 14.56 9.99
N THR B 206 -21.97 13.93 11.13
CA THR B 206 -21.81 14.59 12.42
C THR B 206 -20.33 14.85 12.70
N ARG B 207 -20.03 16.07 13.14
CA ARG B 207 -18.68 16.44 13.56
C ARG B 207 -18.60 16.31 15.07
N ASN B 208 -17.82 15.35 15.55
CA ASN B 208 -17.70 15.10 16.98
C ASN B 208 -16.72 16.08 17.61
N ASP B 209 -16.96 16.38 18.89
CA ASP B 209 -16.08 17.27 19.66
C ASP B 209 -14.88 16.46 20.12
N ILE B 210 -13.91 16.30 19.21
CA ILE B 210 -12.71 15.51 19.50
C ILE B 210 -11.93 16.13 20.65
N LYS B 211 -11.89 17.47 20.71
CA LYS B 211 -11.14 18.15 21.76
C LYS B 211 -11.70 17.82 23.15
N ALA B 212 -13.03 17.80 23.29
CA ALA B 212 -13.62 17.48 24.58
C ALA B 212 -13.44 16.01 24.94
N ILE B 213 -13.53 15.13 23.95
CA ILE B 213 -13.31 13.70 24.20
C ILE B 213 -11.87 13.46 24.64
N ALA B 214 -10.92 14.17 24.01
CA ALA B 214 -9.51 14.00 24.36
C ALA B 214 -9.23 14.51 25.77
N LYS B 215 -9.91 15.58 26.18
CA LYS B 215 -9.73 16.11 27.53
C LYS B 215 -10.11 15.08 28.59
N ARG B 216 -11.28 14.45 28.43
CA ARG B 216 -11.69 13.40 29.36
C ARG B 216 -10.79 12.18 29.23
N THR B 217 -10.34 11.86 28.01
CA THR B 217 -9.46 10.72 27.81
C THR B 217 -8.13 10.92 28.53
N HIS B 218 -7.55 12.12 28.42
CA HIS B 218 -6.28 12.39 29.09
C HIS B 218 -6.44 12.48 30.59
N ALA B 219 -7.62 12.90 31.07
CA ALA B 219 -7.85 12.93 32.51
C ALA B 219 -7.92 11.53 33.10
N MET B 220 -8.26 10.53 32.28
CA MET B 220 -8.25 9.14 32.70
C MET B 220 -6.94 8.44 32.39
N GLY B 221 -5.96 9.16 31.84
CA GLY B 221 -4.67 8.57 31.54
C GLY B 221 -4.64 7.65 30.34
N ALA B 222 -5.54 7.86 29.38
CA ALA B 222 -5.65 6.99 28.22
C ALA B 222 -5.17 7.69 26.96
N TYR B 223 -4.94 6.89 25.92
CA TYR B 223 -4.53 7.40 24.62
C TYR B 223 -5.74 7.80 23.79
N MET B 224 -5.57 8.85 22.99
CA MET B 224 -6.62 9.36 22.13
C MET B 224 -6.25 9.14 20.68
N VAL B 225 -7.05 8.33 19.98
CA VAL B 225 -6.88 8.05 18.56
C VAL B 225 -8.05 8.67 17.82
N VAL B 226 -7.77 9.28 16.66
CA VAL B 226 -8.78 10.01 15.90
C VAL B 226 -8.80 9.47 14.48
N ASP B 227 -9.97 9.03 14.03
CA ASP B 227 -10.22 8.67 12.64
C ASP B 227 -10.65 9.94 11.92
N ALA B 228 -9.71 10.55 11.19
CA ALA B 228 -9.95 11.83 10.52
C ALA B 228 -10.14 11.66 9.01
N ALA B 229 -10.59 10.49 8.57
CA ALA B 229 -10.73 10.24 7.13
C ALA B 229 -11.76 11.17 6.49
N GLN B 230 -12.79 11.56 7.23
CA GLN B 230 -13.83 12.43 6.70
C GLN B 230 -13.69 13.88 7.14
N SER B 231 -12.75 14.19 8.03
CA SER B 231 -12.54 15.56 8.47
C SER B 231 -11.36 16.23 7.78
N ALA B 232 -10.29 15.49 7.52
CA ALA B 232 -9.15 16.02 6.79
C ALA B 232 -9.50 16.63 5.44
N PRO B 233 -10.38 16.05 4.62
CA PRO B 233 -10.68 16.67 3.33
C PRO B 233 -11.64 17.84 3.39
N HIS B 234 -12.36 18.05 4.49
CA HIS B 234 -13.48 18.98 4.50
C HIS B 234 -13.37 20.11 5.51
N ILE B 235 -12.70 19.91 6.64
CA ILE B 235 -12.58 20.94 7.65
C ILE B 235 -11.12 21.11 8.06
N LEU B 236 -10.83 22.27 8.63
CA LEU B 236 -9.48 22.54 9.12
C LEU B 236 -9.14 21.59 10.26
N VAL B 237 -7.96 20.98 10.19
CA VAL B 237 -7.51 20.02 11.18
C VAL B 237 -6.18 20.51 11.76
N ASN B 238 -6.14 20.65 13.08
CA ASN B 238 -4.92 21.03 13.80
C ASN B 238 -4.72 20.01 14.92
N VAL B 239 -3.67 19.20 14.81
CA VAL B 239 -3.48 18.11 15.76
C VAL B 239 -3.19 18.64 17.16
N HIS B 240 -2.62 19.83 17.26
CA HIS B 240 -2.29 20.38 18.57
C HIS B 240 -3.48 21.04 19.24
N ASP B 241 -4.43 21.54 18.46
CA ASP B 241 -5.70 22.00 19.04
C ASP B 241 -6.60 20.82 19.39
N LEU B 242 -6.50 19.72 18.65
CA LEU B 242 -7.33 18.55 18.88
C LEU B 242 -6.85 17.69 20.05
N ASP B 243 -5.64 17.92 20.56
CA ASP B 243 -5.14 17.28 21.77
C ASP B 243 -5.07 15.75 21.65
N CYS B 244 -4.97 15.24 20.43
CA CYS B 244 -4.97 13.80 20.22
C CYS B 244 -3.55 13.24 20.24
N ASP B 245 -3.45 11.94 20.48
CA ASP B 245 -2.17 11.24 20.46
C ASP B 245 -1.85 10.67 19.09
N LEU B 246 -2.87 10.24 18.34
CA LEU B 246 -2.70 9.65 17.02
C LEU B 246 -3.87 10.09 16.15
N LEU B 247 -3.61 10.18 14.84
CA LEU B 247 -4.62 10.63 13.90
C LEU B 247 -4.31 10.07 12.52
N ALA B 248 -5.33 9.57 11.84
CA ALA B 248 -5.17 8.91 10.55
C ALA B 248 -6.20 9.43 9.55
N PHE B 249 -5.79 9.49 8.28
CA PHE B 249 -6.68 9.85 7.19
C PHE B 249 -6.14 9.29 5.89
N SER B 250 -6.93 9.42 4.83
CA SER B 250 -6.62 8.84 3.53
C SER B 250 -6.45 9.94 2.49
N ALA B 251 -5.43 9.79 1.64
CA ALA B 251 -5.15 10.80 0.64
C ALA B 251 -6.19 10.80 -0.48
N HIS B 252 -6.70 9.61 -0.84
CA HIS B 252 -7.64 9.50 -1.95
C HIS B 252 -8.97 10.18 -1.67
N LYS B 253 -9.22 10.63 -0.44
CA LYS B 253 -10.42 11.37 -0.12
C LYS B 253 -10.20 12.88 -0.09
N MET B 254 -8.96 13.33 -0.20
CA MET B 254 -8.68 14.77 -0.25
C MET B 254 -7.92 15.10 -1.54
N CYS B 255 -8.41 14.59 -2.67
CA CYS B 255 -7.90 14.87 -4.00
C CYS B 255 -6.49 14.31 -4.23
N GLY B 256 -6.05 13.39 -3.38
CA GLY B 256 -4.78 12.73 -3.58
C GLY B 256 -4.95 11.43 -4.34
N PRO B 257 -3.85 10.73 -4.59
CA PRO B 257 -3.94 9.45 -5.28
C PRO B 257 -4.44 8.35 -4.35
N MET B 258 -4.87 7.25 -4.98
CA MET B 258 -5.20 6.06 -4.23
C MET B 258 -3.92 5.40 -3.70
N GLY B 259 -4.09 4.60 -2.65
CA GLY B 259 -2.99 3.82 -2.12
C GLY B 259 -2.08 4.53 -1.13
N ILE B 260 -2.47 5.70 -0.64
CA ILE B 260 -1.66 6.45 0.32
C ILE B 260 -2.52 6.78 1.53
N GLY B 261 -2.10 6.30 2.70
CA GLY B 261 -2.70 6.69 3.96
C GLY B 261 -1.69 7.43 4.81
N VAL B 262 -2.16 8.20 5.78
CA VAL B 262 -1.29 9.01 6.63
C VAL B 262 -1.62 8.72 8.08
N LEU B 263 -0.59 8.49 8.90
CA LEU B 263 -0.73 8.38 10.34
C LEU B 263 0.19 9.39 10.99
N TRP B 264 -0.38 10.30 11.76
CA TRP B 264 0.40 11.19 12.62
C TRP B 264 0.30 10.71 14.06
N GLY B 265 1.38 10.89 14.81
CA GLY B 265 1.39 10.55 16.21
C GLY B 265 2.38 11.41 16.96
N ARG B 266 2.14 11.55 18.26
CA ARG B 266 3.10 12.23 19.13
C ARG B 266 4.44 11.51 19.03
N ALA B 267 5.52 12.29 19.09
CA ALA B 267 6.85 11.74 18.82
C ALA B 267 7.20 10.61 19.80
N GLU B 268 7.02 10.86 21.10
CA GLU B 268 7.47 9.87 22.08
C GLU B 268 6.57 8.64 22.11
N LEU B 269 5.29 8.79 21.78
CA LEU B 269 4.42 7.62 21.68
C LEU B 269 4.87 6.72 20.53
N LEU B 270 5.12 7.31 19.36
CA LEU B 270 5.60 6.53 18.22
C LEU B 270 6.93 5.84 18.55
N ASN B 271 7.78 6.52 19.33
CA ASN B 271 9.06 5.92 19.72
C ASN B 271 8.86 4.68 20.57
N ALA B 272 7.87 4.70 21.47
CA ALA B 272 7.67 3.60 22.40
C ALA B 272 6.89 2.45 21.77
N MET B 273 6.03 2.73 20.80
CA MET B 273 5.22 1.68 20.21
C MET B 273 6.10 0.71 19.42
N PRO B 274 5.86 -0.60 19.54
CA PRO B 274 6.64 -1.58 18.80
C PRO B 274 6.31 -1.51 17.31
N PRO B 275 7.16 -2.07 16.45
CA PRO B 275 6.89 -2.03 15.01
C PRO B 275 5.64 -2.83 14.66
N PHE B 276 5.09 -2.52 13.49
CA PHE B 276 3.95 -3.24 12.96
C PHE B 276 4.41 -4.28 11.94
N LEU B 277 4.62 -3.86 10.70
CA LEU B 277 5.25 -4.73 9.70
C LEU B 277 6.75 -4.65 9.83
N THR B 278 7.42 -5.80 9.66
CA THR B 278 8.86 -5.89 9.73
C THR B 278 9.43 -6.39 8.42
N GLY B 279 10.68 -6.05 8.17
CA GLY B 279 11.35 -6.42 6.95
C GLY B 279 12.36 -5.36 6.56
N GLY B 280 12.57 -5.24 5.25
CA GLY B 280 13.54 -4.28 4.75
C GLY B 280 13.12 -2.85 5.01
N GLU B 281 14.13 -1.97 5.05
CA GLU B 281 13.99 -0.52 5.13
C GLU B 281 13.52 -0.02 6.50
N MET B 282 13.00 -0.90 7.35
CA MET B 282 12.56 -0.49 8.67
C MET B 282 13.53 -0.90 9.78
N ILE B 283 14.73 -1.34 9.42
CA ILE B 283 15.74 -1.77 10.37
C ILE B 283 16.88 -0.77 10.40
N ASP B 284 17.76 -0.93 11.38
CA ASP B 284 19.11 -0.41 11.33
C ASP B 284 20.15 -1.49 11.05
N SER B 285 19.88 -2.72 11.49
CA SER B 285 20.74 -3.86 11.21
C SER B 285 19.97 -5.15 11.50
N VAL B 286 20.44 -6.25 10.93
CA VAL B 286 19.80 -7.56 11.06
C VAL B 286 20.87 -8.64 11.18
N THR B 287 20.65 -9.57 12.10
CA THR B 287 21.41 -10.81 12.19
C THR B 287 20.47 -11.99 11.95
N GLU B 288 21.04 -13.20 11.98
CA GLU B 288 20.24 -14.39 11.75
C GLU B 288 19.11 -14.53 12.76
N THR B 289 19.34 -14.10 14.01
CA THR B 289 18.39 -14.32 15.09
C THR B 289 17.69 -13.05 15.56
N GLY B 290 18.17 -11.87 15.21
CA GLY B 290 17.57 -10.65 15.70
C GLY B 290 17.65 -9.52 14.69
N ALA B 291 17.16 -8.35 15.11
CA ALA B 291 17.16 -7.17 14.27
C ALA B 291 17.04 -5.94 15.16
N VAL B 292 17.53 -4.81 14.65
CA VAL B 292 17.47 -3.53 15.34
C VAL B 292 16.66 -2.57 14.49
N TRP B 293 15.66 -1.95 15.10
CA TRP B 293 14.70 -1.13 14.35
C TRP B 293 15.28 0.22 13.99
N ALA B 294 14.88 0.72 12.82
CA ALA B 294 15.22 2.06 12.38
C ALA B 294 14.46 3.08 13.21
N PRO B 295 14.84 4.35 13.17
CA PRO B 295 14.08 5.37 13.89
C PRO B 295 12.74 5.65 13.22
N VAL B 296 11.85 6.26 13.99
CA VAL B 296 10.58 6.76 13.45
C VAL B 296 10.87 7.84 12.42
N PRO B 297 10.17 7.89 11.27
CA PRO B 297 9.03 7.07 10.84
C PRO B 297 9.39 5.80 10.07
N GLU B 298 10.67 5.65 9.69
CA GLU B 298 11.06 4.47 8.92
C GLU B 298 10.80 3.18 9.67
N LYS B 299 10.70 3.23 11.01
CA LYS B 299 10.38 2.04 11.79
C LYS B 299 9.05 1.43 11.38
N PHE B 300 8.12 2.24 10.87
CA PHE B 300 6.77 1.78 10.57
C PHE B 300 6.51 1.65 9.07
N GLU B 301 7.55 1.68 8.24
CA GLU B 301 7.41 1.59 6.78
C GLU B 301 8.31 0.47 6.28
N ALA B 302 7.71 -0.70 6.04
CA ALA B 302 8.44 -1.90 5.64
C ALA B 302 8.40 -2.06 4.12
N GLY B 303 9.55 -2.34 3.52
CA GLY B 303 9.63 -2.56 2.10
C GLY B 303 9.62 -1.26 1.30
N THR B 304 9.70 -1.42 -0.02
CA THR B 304 9.69 -0.27 -0.92
C THR B 304 8.34 0.43 -0.86
N GLN B 305 8.37 1.74 -0.64
CA GLN B 305 7.15 2.52 -0.52
C GLN B 305 6.70 3.06 -1.87
N ASP B 306 5.46 3.53 -1.91
CA ASP B 306 4.90 4.14 -3.12
C ASP B 306 5.37 5.59 -3.18
N ALA B 307 6.61 5.75 -3.66
CA ALA B 307 7.22 7.08 -3.72
C ALA B 307 6.46 7.99 -4.69
N ALA B 308 5.97 7.43 -5.80
CA ALA B 308 5.19 8.23 -6.74
C ALA B 308 3.87 8.68 -6.12
N GLY B 309 3.21 7.81 -5.37
CA GLY B 309 1.98 8.20 -4.70
C GLY B 309 2.21 9.22 -3.61
N ILE B 310 3.32 9.07 -2.87
CA ILE B 310 3.68 10.06 -1.87
C ILE B 310 3.95 11.41 -2.52
N TYR B 311 4.65 11.40 -3.65
CA TYR B 311 4.93 12.65 -4.36
C TYR B 311 3.66 13.29 -4.87
N ALA B 312 2.74 12.49 -5.41
CA ALA B 312 1.47 13.05 -5.88
C ALA B 312 0.59 13.51 -4.72
N THR B 313 0.73 12.88 -3.55
CA THR B 313 0.00 13.36 -2.37
C THR B 313 0.51 14.74 -1.95
N GLY B 314 1.82 14.96 -2.02
CA GLY B 314 2.35 16.29 -1.79
C GLY B 314 1.85 17.30 -2.80
N ALA B 315 1.65 16.87 -4.06
CA ALA B 315 1.06 17.75 -5.06
C ALA B 315 -0.40 18.05 -4.73
N ALA B 316 -1.11 17.11 -4.11
CA ALA B 316 -2.48 17.37 -3.69
C ALA B 316 -2.52 18.38 -2.55
N ILE B 317 -1.56 18.30 -1.63
CA ILE B 317 -1.48 19.28 -0.55
C ILE B 317 -1.19 20.67 -1.11
N LYS B 318 -0.24 20.75 -2.04
CA LYS B 318 0.07 22.03 -2.67
C LYS B 318 -1.13 22.57 -3.44
N TYR B 319 -1.89 21.69 -4.09
CA TYR B 319 -3.08 22.12 -4.82
C TYR B 319 -4.14 22.68 -3.88
N LEU B 320 -4.42 21.95 -2.80
CA LEU B 320 -5.42 22.42 -1.83
C LEU B 320 -4.98 23.70 -1.16
N ASN B 321 -3.68 23.82 -0.85
CA ASN B 321 -3.17 25.05 -0.25
C ASN B 321 -3.36 26.23 -1.20
N GLY B 322 -3.22 26.01 -2.50
CA GLY B 322 -3.39 27.09 -3.46
C GLY B 322 -4.81 27.61 -3.51
N LEU B 323 -5.80 26.72 -3.35
CA LEU B 323 -7.19 27.13 -3.32
C LEU B 323 -7.61 27.75 -2.00
N ASP B 324 -6.73 27.71 -0.98
CA ASP B 324 -7.02 28.13 0.39
C ASP B 324 -8.03 27.17 1.01
N MET B 325 -7.55 26.36 1.97
CA MET B 325 -8.41 25.37 2.62
C MET B 325 -9.53 26.02 3.42
N ALA B 326 -9.37 27.28 3.83
CA ALA B 326 -10.45 27.98 4.51
C ALA B 326 -11.59 28.28 3.54
N LYS B 327 -11.27 28.64 2.30
CA LYS B 327 -12.31 28.89 1.32
C LYS B 327 -12.96 27.59 0.84
N ILE B 328 -12.20 26.49 0.81
CA ILE B 328 -12.78 25.19 0.53
C ILE B 328 -13.75 24.80 1.64
N GLU B 329 -13.37 25.07 2.89
CA GLU B 329 -14.23 24.74 4.02
C GLU B 329 -15.57 25.45 3.92
N LYS B 330 -15.55 26.76 3.64
CA LYS B 330 -16.78 27.53 3.59
C LYS B 330 -17.68 27.09 2.44
N ARG B 331 -17.09 26.84 1.27
CA ARG B 331 -17.89 26.42 0.13
C ARG B 331 -18.56 25.08 0.38
N GLU B 332 -17.85 24.15 1.03
CA GLU B 332 -18.44 22.85 1.33
C GLU B 332 -19.48 22.94 2.43
N GLU B 333 -19.37 23.94 3.31
CA GLU B 333 -20.45 24.21 4.26
C GLU B 333 -21.71 24.63 3.53
N LEU B 334 -21.58 25.50 2.53
CA LEU B 334 -22.73 25.98 1.78
C LEU B 334 -23.35 24.85 0.96
N LEU B 335 -22.51 24.00 0.36
CA LEU B 335 -23.03 22.89 -0.44
C LEU B 335 -23.75 21.87 0.41
N ALA B 336 -23.29 21.65 1.64
CA ALA B 336 -23.98 20.74 2.55
C ALA B 336 -25.33 21.32 2.98
N ARG B 337 -25.40 22.63 3.18
CA ARG B 337 -26.66 23.27 3.56
C ARG B 337 -27.66 23.22 2.41
N TYR B 338 -27.20 23.48 1.18
CA TYR B 338 -28.09 23.43 0.03
C TYR B 338 -28.58 22.00 -0.23
N LEU B 339 -27.73 21.01 0.02
CA LEU B 339 -28.10 19.62 -0.23
C LEU B 339 -29.24 19.20 0.69
N VAL B 340 -29.11 19.46 1.99
CA VAL B 340 -30.14 19.07 2.95
C VAL B 340 -31.42 19.85 2.70
N GLN B 341 -31.29 21.14 2.36
CA GLN B 341 -32.47 21.96 2.13
C GLN B 341 -33.29 21.44 0.95
N GLN B 342 -32.63 21.13 -0.15
CA GLN B 342 -33.34 20.59 -1.32
C GLN B 342 -33.90 19.20 -1.02
N LEU B 343 -33.16 18.38 -0.27
CA LEU B 343 -33.67 17.07 0.11
C LEU B 343 -34.90 17.17 0.99
N CYS B 344 -34.97 18.20 1.83
CA CYS B 344 -36.11 18.37 2.72
C CYS B 344 -37.37 18.79 1.99
N THR B 345 -37.24 19.37 0.79
CA THR B 345 -38.40 19.75 0.00
C THR B 345 -39.10 18.55 -0.63
N LEU B 346 -38.49 17.37 -0.56
CA LEU B 346 -39.06 16.15 -1.13
C LEU B 346 -39.79 15.39 -0.03
N ASP B 347 -41.12 15.34 -0.12
CA ASP B 347 -41.92 14.69 0.92
C ASP B 347 -41.66 13.19 0.98
N PHE B 348 -41.20 12.58 -0.11
CA PHE B 348 -40.95 11.15 -0.15
C PHE B 348 -39.52 10.79 0.27
N VAL B 349 -38.74 11.76 0.73
CA VAL B 349 -37.35 11.55 1.12
C VAL B 349 -37.24 11.74 2.63
N ASP B 350 -36.62 10.76 3.31
CA ASP B 350 -36.35 10.83 4.73
C ASP B 350 -34.84 10.84 4.94
N ILE B 351 -34.35 11.88 5.59
CA ILE B 351 -32.92 11.98 5.90
C ILE B 351 -32.63 11.10 7.11
N VAL B 352 -31.57 10.29 7.01
CA VAL B 352 -31.25 9.36 8.09
C VAL B 352 -30.55 10.08 9.23
N GLY B 353 -29.68 11.03 8.93
CA GLY B 353 -28.98 11.81 9.93
C GLY B 353 -29.79 12.99 10.44
N SER B 354 -29.08 14.04 10.83
CA SER B 354 -29.74 15.26 11.29
C SER B 354 -30.45 15.95 10.14
N LYS B 355 -31.51 16.68 10.48
CA LYS B 355 -32.30 17.42 9.50
C LYS B 355 -31.82 18.85 9.33
N LEU B 356 -30.76 19.26 10.03
CA LEU B 356 -30.20 20.59 9.92
C LEU B 356 -28.91 20.53 9.09
N GLY B 357 -28.83 21.38 8.06
CA GLY B 357 -27.70 21.34 7.16
C GLY B 357 -26.40 21.82 7.80
N GLN B 358 -26.49 22.67 8.82
CA GLN B 358 -25.31 23.11 9.54
C GLN B 358 -24.66 21.98 10.34
N ASN B 359 -25.36 20.85 10.51
CA ASN B 359 -24.86 19.72 11.27
C ASN B 359 -24.32 18.61 10.38
N HIS B 360 -24.14 18.87 9.08
CA HIS B 360 -23.64 17.88 8.13
C HIS B 360 -22.29 18.34 7.60
N VAL B 361 -21.28 17.51 7.77
CA VAL B 361 -19.97 17.72 7.18
C VAL B 361 -19.79 16.65 6.10
N GLY B 362 -19.89 17.05 4.84
CA GLY B 362 -19.64 16.15 3.73
C GLY B 362 -20.83 15.32 3.30
N ALA B 363 -21.28 14.40 4.16
CA ALA B 363 -22.22 13.36 3.77
C ALA B 363 -23.61 13.62 4.32
N VAL B 364 -24.61 13.21 3.54
CA VAL B 364 -26.01 13.24 3.95
C VAL B 364 -26.64 11.91 3.52
N ALA B 365 -26.97 11.07 4.49
CA ALA B 365 -27.66 9.82 4.21
C ALA B 365 -29.17 10.05 4.18
N PHE B 366 -29.85 9.29 3.33
CA PHE B 366 -31.28 9.46 3.15
C PHE B 366 -31.85 8.21 2.48
N ASN B 367 -33.17 8.14 2.44
CA ASN B 367 -33.88 7.05 1.77
C ASN B 367 -35.10 7.60 1.06
N VAL B 368 -35.35 7.10 -0.14
CA VAL B 368 -36.61 7.36 -0.82
C VAL B 368 -37.65 6.39 -0.27
N ARG B 369 -38.74 6.93 0.26
CA ARG B 369 -39.69 6.14 1.04
C ARG B 369 -40.24 4.98 0.24
N GLY B 370 -39.93 3.76 0.68
CA GLY B 370 -40.47 2.57 0.06
C GLY B 370 -39.76 2.12 -1.20
N VAL B 371 -38.56 2.63 -1.48
CA VAL B 371 -37.82 2.29 -2.68
C VAL B 371 -36.44 1.79 -2.27
N HIS B 372 -36.02 0.67 -2.84
CA HIS B 372 -34.72 0.12 -2.53
C HIS B 372 -33.63 1.10 -2.94
N PRO B 373 -32.59 1.28 -2.12
CA PRO B 373 -31.46 2.12 -2.55
C PRO B 373 -30.83 1.66 -3.85
N HIS B 374 -30.88 0.35 -4.15
CA HIS B 374 -30.41 -0.13 -5.44
C HIS B 374 -31.22 0.47 -6.58
N ASP B 375 -32.54 0.59 -6.40
CA ASP B 375 -33.38 1.17 -7.43
C ASP B 375 -33.19 2.68 -7.53
N VAL B 376 -32.90 3.34 -6.41
CA VAL B 376 -32.70 4.79 -6.42
C VAL B 376 -31.44 5.14 -7.21
N SER B 377 -30.32 4.51 -6.86
CA SER B 377 -29.06 4.81 -7.54
C SER B 377 -29.08 4.34 -8.99
N SER B 378 -29.85 3.29 -9.30
CA SER B 378 -29.94 2.83 -10.69
C SER B 378 -30.59 3.88 -11.57
N ILE B 379 -31.64 4.54 -11.08
CA ILE B 379 -32.29 5.60 -11.84
C ILE B 379 -31.39 6.83 -11.91
N LEU B 380 -30.74 7.17 -10.80
CA LEU B 380 -29.85 8.33 -10.78
C LEU B 380 -28.66 8.12 -11.70
N ASP B 381 -28.16 6.88 -11.80
CA ASP B 381 -27.09 6.58 -12.75
C ASP B 381 -27.55 6.85 -14.18
N MET B 382 -28.81 6.53 -14.49
CA MET B 382 -29.36 6.87 -15.79
C MET B 382 -29.44 8.38 -16.00
N ASN B 383 -29.62 9.14 -14.91
CA ASN B 383 -29.65 10.59 -14.96
C ASN B 383 -28.28 11.20 -14.75
N ASN B 384 -27.21 10.42 -14.88
CA ASN B 384 -25.83 10.89 -14.76
C ASN B 384 -25.54 11.49 -13.38
N VAL B 385 -26.17 10.93 -12.35
CA VAL B 385 -25.94 11.34 -10.96
C VAL B 385 -25.33 10.16 -10.21
N CYS B 386 -24.16 10.36 -9.64
CA CYS B 386 -23.44 9.31 -8.94
C CYS B 386 -23.60 9.49 -7.43
N ILE B 387 -24.26 8.54 -6.78
CA ILE B 387 -24.38 8.51 -5.34
C ILE B 387 -24.04 7.11 -4.84
N ARG B 388 -24.08 6.95 -3.51
CA ARG B 388 -23.64 5.75 -2.84
C ARG B 388 -24.83 5.06 -2.18
N ALA B 389 -24.94 3.74 -2.36
CA ALA B 389 -26.03 2.97 -1.81
C ALA B 389 -25.48 1.75 -1.09
N GLY B 390 -26.11 1.39 0.03
CA GLY B 390 -25.69 0.23 0.80
C GLY B 390 -25.56 0.52 2.28
N HIS B 391 -24.58 -0.12 2.93
CA HIS B 391 -24.34 0.05 4.35
C HIS B 391 -23.26 1.07 4.66
N HIS B 392 -22.47 1.48 3.66
CA HIS B 392 -21.43 2.51 3.82
C HIS B 392 -20.42 2.13 4.89
N CYS B 393 -20.21 0.83 5.08
CA CYS B 393 -19.24 0.31 6.06
C CYS B 393 -19.50 0.84 7.46
N ALA B 394 -20.77 1.03 7.81
CA ALA B 394 -21.17 1.46 9.15
C ALA B 394 -22.38 0.66 9.60
N GLU B 395 -22.26 -0.67 9.53
CA GLU B 395 -23.39 -1.53 9.85
C GLU B 395 -23.85 -1.44 11.30
N PRO B 396 -22.99 -1.41 12.32
CA PRO B 396 -23.49 -1.24 13.68
C PRO B 396 -24.30 0.03 13.88
N LEU B 397 -23.94 1.12 13.20
CA LEU B 397 -24.72 2.35 13.29
C LEU B 397 -26.10 2.18 12.67
N LEU B 398 -26.18 1.51 11.52
CA LEU B 398 -27.45 1.33 10.84
C LEU B 398 -28.35 0.35 11.60
N ILE B 399 -27.75 -0.69 12.20
CA ILE B 399 -28.50 -1.60 13.06
C ILE B 399 -29.10 -0.81 14.23
N GLU B 400 -28.31 0.09 14.80
CA GLU B 400 -28.75 0.91 15.93
C GLU B 400 -29.96 1.75 15.56
N LEU B 401 -30.03 2.22 14.32
CA LEU B 401 -31.13 3.06 13.86
C LEU B 401 -32.17 2.29 13.05
N HIS B 402 -32.13 0.96 13.08
CA HIS B 402 -33.12 0.11 12.40
C HIS B 402 -33.20 0.43 10.90
N GLU B 403 -32.05 0.68 10.30
CA GLU B 403 -31.95 0.86 8.85
C GLU B 403 -31.18 -0.31 8.27
N SER B 404 -31.75 -0.95 7.24
CA SER B 404 -31.06 -2.04 6.58
C SER B 404 -30.25 -1.59 5.37
N SER B 405 -30.61 -0.46 4.75
CA SER B 405 -29.90 0.07 3.62
C SER B 405 -30.28 1.54 3.46
N THR B 406 -29.37 2.31 2.86
CA THR B 406 -29.53 3.76 2.79
C THR B 406 -28.85 4.26 1.54
N CYS B 407 -29.35 5.38 1.01
CA CYS B 407 -28.65 6.15 0.00
C CYS B 407 -27.79 7.21 0.67
N ARG B 408 -26.70 7.60 0.00
CA ARG B 408 -25.82 8.62 0.55
C ARG B 408 -25.33 9.52 -0.58
N ALA B 409 -25.56 10.82 -0.43
CA ALA B 409 -24.98 11.83 -1.29
C ALA B 409 -24.00 12.67 -0.47
N SER B 410 -22.89 13.05 -1.10
CA SER B 410 -21.87 13.83 -0.43
C SER B 410 -21.38 14.92 -1.37
N VAL B 411 -20.90 16.01 -0.79
CA VAL B 411 -20.48 17.18 -1.55
C VAL B 411 -18.99 17.41 -1.34
N ALA B 412 -18.34 17.92 -2.39
CA ALA B 412 -16.98 18.40 -2.33
C ALA B 412 -16.94 19.78 -2.98
N PHE B 413 -15.82 20.49 -2.78
CA PHE B 413 -15.72 21.86 -3.26
C PHE B 413 -15.85 21.96 -4.78
N TYR B 414 -15.58 20.88 -5.51
CA TYR B 414 -15.72 20.91 -6.96
C TYR B 414 -17.15 20.63 -7.41
N ASN B 415 -18.09 20.43 -6.48
CA ASN B 415 -19.50 20.37 -6.80
C ASN B 415 -20.09 21.78 -6.84
N ASP B 416 -21.32 21.89 -7.30
CA ASP B 416 -21.98 23.18 -7.40
C ASP B 416 -23.48 23.01 -7.20
N LYS B 417 -24.20 24.13 -7.30
CA LYS B 417 -25.65 24.11 -7.14
C LYS B 417 -26.31 23.24 -8.20
N HIS B 418 -25.78 23.24 -9.41
CA HIS B 418 -26.39 22.47 -10.49
C HIS B 418 -26.27 20.97 -10.25
N ASP B 419 -25.19 20.52 -9.61
CA ASP B 419 -25.06 19.10 -9.29
C ASP B 419 -26.13 18.65 -8.31
N ILE B 420 -26.45 19.47 -7.32
CA ILE B 420 -27.47 19.11 -6.34
C ILE B 420 -28.85 19.17 -6.98
N ASP B 421 -29.10 20.18 -7.81
CA ASP B 421 -30.37 20.25 -8.53
C ASP B 421 -30.57 19.06 -9.44
N GLN B 422 -29.48 18.54 -10.03
CA GLN B 422 -29.58 17.34 -10.84
C GLN B 422 -29.98 16.13 -10.00
N LEU B 423 -29.47 16.06 -8.77
CA LEU B 423 -29.90 15.01 -7.85
C LEU B 423 -31.40 15.10 -7.57
N ILE B 424 -31.88 16.32 -7.29
CA ILE B 424 -33.28 16.50 -6.94
C ILE B 424 -34.19 16.12 -8.11
N GLU B 425 -33.82 16.56 -9.32
CA GLU B 425 -34.60 16.19 -10.49
C GLU B 425 -34.58 14.69 -10.72
N GLY B 426 -33.44 14.05 -10.44
CA GLY B 426 -33.37 12.60 -10.57
C GLY B 426 -34.20 11.89 -9.51
N LEU B 427 -34.23 12.43 -8.29
CA LEU B 427 -35.05 11.85 -7.25
C LEU B 427 -36.53 11.97 -7.56
N ASN B 428 -36.93 13.09 -8.17
CA ASN B 428 -38.31 13.24 -8.61
C ASN B 428 -38.66 12.21 -9.68
N GLN B 429 -37.70 11.90 -10.55
CA GLN B 429 -37.91 10.84 -11.53
C GLN B 429 -38.09 9.49 -10.84
N VAL B 430 -37.28 9.22 -9.80
CA VAL B 430 -37.40 7.97 -9.06
C VAL B 430 -38.82 7.80 -8.53
N TRP B 431 -39.39 8.87 -7.96
CA TRP B 431 -40.74 8.78 -7.41
C TRP B 431 -41.78 8.49 -8.50
N LYS B 432 -41.53 8.93 -9.73
CA LYS B 432 -42.48 8.69 -10.81
C LYS B 432 -42.60 7.19 -11.10
N ILE B 433 -41.47 6.50 -11.23
CA ILE B 433 -41.51 5.05 -11.43
C ILE B 433 -42.07 4.35 -10.21
N PHE B 434 -41.54 4.68 -9.03
CA PHE B 434 -41.99 4.07 -7.79
C PHE B 434 -42.74 5.07 -6.93
#